data_9KHG
#
_entry.id   9KHG
#
_cell.length_a   1.00
_cell.length_b   1.00
_cell.length_c   1.00
_cell.angle_alpha   90.00
_cell.angle_beta   90.00
_cell.angle_gamma   90.00
#
_symmetry.space_group_name_H-M   'P 1'
#
loop_
_entity.id
_entity.type
_entity.pdbx_description
1 polymer 'Potassium channel GORK'
2 non-polymer 'POTASSIUM ION'
#
_entity_poly.entity_id   1
_entity_poly.type   'polypeptide(L)'
_entity_poly.pdbx_seq_one_letter_code
;IHPKNRWYKAWEMFILVWAIYSSLFTPMEFGFFRGLPERLFVLDIVGQIAFLVDIVLQFFVAYRDTQTYRTVYKPTRIAF
RYLKSHFLMDFIGCFPWDLIYKASGKHELVRYLLWIRLFRVRKVVEFFQRLEKDTRINYLFTRILKLLFVEVYCTHTAAC
IFYYLATTLPPENEGYTWIGSLKLGDYSYENFREIDLWKRYTTALYFAIVTMATVGYGDIHAVNLREMIFVMIYVSFDMV
LGAYLIGNITALIVKG
;
_entity_poly.pdbx_strand_id   A,B,C,D
#
loop_
_chem_comp.id
_chem_comp.type
_chem_comp.name
_chem_comp.formula
K non-polymer 'POTASSIUM ION' 'K 1'
#
# COMPACT_ATOMS: atom_id res chain seq x y z
N ILE A 1 41.35 -30.02 -1.73
CA ILE A 1 40.83 -29.69 -0.40
C ILE A 1 39.46 -30.33 -0.21
N HIS A 2 39.26 -30.95 0.95
CA HIS A 2 38.01 -31.62 1.22
C HIS A 2 36.91 -30.60 1.49
N PRO A 3 35.81 -30.64 0.75
CA PRO A 3 34.85 -29.51 0.77
C PRO A 3 34.27 -29.20 2.14
N LYS A 4 34.00 -30.22 2.96
CA LYS A 4 33.30 -30.03 4.23
C LYS A 4 34.26 -29.76 5.38
N ASN A 5 35.57 -29.66 5.10
CA ASN A 5 36.57 -29.49 6.15
C ASN A 5 36.24 -28.30 7.04
N ARG A 6 36.37 -28.52 8.36
CA ARG A 6 35.93 -27.51 9.32
C ARG A 6 36.74 -26.22 9.20
N TRP A 7 38.04 -26.32 8.94
CA TRP A 7 38.83 -25.12 8.70
C TRP A 7 38.34 -24.38 7.47
N TYR A 8 37.99 -25.12 6.42
CA TYR A 8 37.43 -24.47 5.23
C TYR A 8 36.09 -23.83 5.54
N LYS A 9 35.29 -24.46 6.41
CA LYS A 9 34.02 -23.86 6.81
C LYS A 9 34.24 -22.55 7.57
N ALA A 10 35.22 -22.53 8.47
CA ALA A 10 35.54 -21.29 9.17
C ALA A 10 36.02 -20.22 8.21
N TRP A 11 36.83 -20.61 7.22
CA TRP A 11 37.27 -19.66 6.20
C TRP A 11 36.08 -19.13 5.41
N GLU A 12 35.12 -20.01 5.10
CA GLU A 12 33.93 -19.59 4.38
C GLU A 12 33.14 -18.57 5.18
N MET A 13 32.97 -18.82 6.49
CA MET A 13 32.26 -17.85 7.33
C MET A 13 33.01 -16.52 7.42
N PHE A 14 34.34 -16.59 7.53
CA PHE A 14 35.15 -15.37 7.60
C PHE A 14 35.00 -14.55 6.32
N ILE A 15 35.12 -15.21 5.16
CA ILE A 15 34.95 -14.54 3.89
C ILE A 15 33.52 -14.05 3.71
N LEU A 16 32.55 -14.76 4.27
CA LEU A 16 31.16 -14.31 4.19
C LEU A 16 30.96 -13.01 4.96
N VAL A 17 31.54 -12.91 6.15
CA VAL A 17 31.46 -11.66 6.91
C VAL A 17 32.15 -10.54 6.16
N TRP A 18 33.34 -10.81 5.60
CA TRP A 18 34.02 -9.79 4.81
C TRP A 18 33.20 -9.37 3.60
N ALA A 19 32.53 -10.32 2.96
CA ALA A 19 31.73 -10.01 1.78
C ALA A 19 30.51 -9.18 2.16
N ILE A 20 29.89 -9.48 3.30
CA ILE A 20 28.77 -8.65 3.76
C ILE A 20 29.25 -7.22 4.01
N TYR A 21 30.40 -7.08 4.66
CA TYR A 21 30.92 -5.74 4.91
C TYR A 21 31.22 -5.01 3.60
N SER A 22 31.84 -5.70 2.65
CA SER A 22 32.20 -5.05 1.39
C SER A 22 30.97 -4.68 0.58
N SER A 23 29.95 -5.54 0.58
CA SER A 23 28.72 -5.22 -0.14
C SER A 23 27.99 -4.06 0.50
N LEU A 24 28.01 -3.97 1.84
CA LEU A 24 27.37 -2.83 2.49
C LEU A 24 28.18 -1.55 2.36
N PHE A 25 29.48 -1.64 2.14
CA PHE A 25 30.32 -0.45 2.09
C PHE A 25 30.55 0.10 0.69
N THR A 26 30.59 -0.75 -0.33
CA THR A 26 30.93 -0.28 -1.67
C THR A 26 29.97 0.77 -2.20
N PRO A 27 28.63 0.60 -2.12
CA PRO A 27 27.76 1.72 -2.50
C PRO A 27 28.01 2.97 -1.68
N MET A 28 28.27 2.83 -0.38
CA MET A 28 28.62 3.99 0.44
C MET A 28 29.91 4.63 -0.05
N GLU A 29 30.92 3.81 -0.34
CA GLU A 29 32.18 4.30 -0.88
C GLU A 29 31.98 5.09 -2.15
N PHE A 30 31.16 4.57 -3.06
CA PHE A 30 30.99 5.22 -4.36
C PHE A 30 30.17 6.50 -4.23
N GLY A 31 29.10 6.46 -3.45
CA GLY A 31 28.19 7.59 -3.39
C GLY A 31 28.61 8.71 -2.47
N PHE A 32 28.94 8.39 -1.22
CA PHE A 32 29.18 9.44 -0.23
C PHE A 32 30.61 9.95 -0.23
N PHE A 33 31.50 9.40 -1.07
CA PHE A 33 32.92 9.73 -1.01
C PHE A 33 33.45 9.93 -2.42
N ARG A 34 33.92 11.13 -2.73
CA ARG A 34 34.65 11.37 -3.98
C ARG A 34 36.14 11.14 -3.72
N GLY A 35 36.46 9.88 -3.47
CA GLY A 35 37.78 9.49 -3.07
C GLY A 35 37.83 9.22 -1.59
N LEU A 36 38.43 8.09 -1.19
CA LEU A 36 38.43 7.72 0.22
C LEU A 36 39.23 8.74 1.04
N PRO A 37 38.81 8.89 2.31
CA PRO A 37 39.59 9.73 3.18
C PRO A 37 40.77 8.88 3.61
N GLU A 38 41.83 9.46 4.14
CA GLU A 38 43.06 8.75 4.42
C GLU A 38 42.85 7.65 5.46
N ARG A 39 41.96 7.87 6.42
CA ARG A 39 41.91 7.01 7.61
C ARG A 39 41.62 5.56 7.26
N LEU A 40 40.70 5.32 6.34
CA LEU A 40 40.33 3.94 6.02
C LEU A 40 41.33 3.25 5.12
N PHE A 41 42.42 3.92 4.74
CA PHE A 41 43.37 3.39 3.77
C PHE A 41 43.69 1.92 4.05
N VAL A 42 44.33 1.65 5.18
CA VAL A 42 44.76 0.30 5.49
C VAL A 42 43.57 -0.65 5.49
N LEU A 43 42.44 -0.22 6.03
CA LEU A 43 41.24 -1.06 6.04
C LEU A 43 40.94 -1.56 4.64
N ASP A 44 40.88 -0.63 3.67
CA ASP A 44 40.62 -1.02 2.30
C ASP A 44 41.61 -2.10 1.86
N ILE A 45 42.91 -1.83 2.04
CA ILE A 45 43.92 -2.79 1.60
C ILE A 45 43.66 -4.14 2.24
N VAL A 46 43.36 -4.14 3.54
CA VAL A 46 43.14 -5.42 4.22
C VAL A 46 42.06 -6.21 3.52
N GLY A 47 40.92 -5.58 3.27
CA GLY A 47 39.85 -6.29 2.59
C GLY A 47 40.34 -6.89 1.29
N GLN A 48 41.02 -6.07 0.48
CA GLN A 48 41.53 -6.57 -0.79
C GLN A 48 42.38 -7.81 -0.59
N ILE A 49 43.38 -7.72 0.29
CA ILE A 49 44.29 -8.85 0.42
C ILE A 49 43.52 -10.07 0.93
N ALA A 50 42.55 -9.84 1.81
CA ALA A 50 41.73 -10.95 2.28
C ALA A 50 41.09 -11.66 1.11
N PHE A 51 40.42 -10.90 0.24
CA PHE A 51 39.79 -11.53 -0.91
C PHE A 51 40.83 -12.14 -1.83
N LEU A 52 42.01 -11.51 -1.94
CA LEU A 52 43.10 -12.13 -2.68
C LEU A 52 43.36 -13.54 -2.17
N VAL A 53 43.50 -13.68 -0.85
CA VAL A 53 43.74 -15.00 -0.29
C VAL A 53 42.62 -15.94 -0.67
N ASP A 54 41.37 -15.45 -0.61
CA ASP A 54 40.24 -16.29 -0.99
C ASP A 54 40.41 -16.80 -2.41
N ILE A 55 40.78 -15.91 -3.34
CA ILE A 55 41.01 -16.36 -4.71
C ILE A 55 42.09 -17.43 -4.74
N VAL A 56 43.18 -17.20 -4.01
CA VAL A 56 44.26 -18.18 -3.97
C VAL A 56 43.74 -19.50 -3.42
N LEU A 57 42.86 -19.44 -2.42
CA LEU A 57 42.29 -20.67 -1.89
C LEU A 57 41.21 -21.23 -2.81
N GLN A 58 40.51 -20.37 -3.56
CA GLN A 58 39.39 -20.84 -4.35
C GLN A 58 39.84 -21.78 -5.46
N PHE A 59 41.11 -21.68 -5.85
CA PHE A 59 41.66 -22.58 -6.86
C PHE A 59 41.86 -23.99 -6.29
N PHE A 60 42.17 -24.10 -5.01
CA PHE A 60 42.59 -25.38 -4.45
C PHE A 60 41.42 -26.33 -4.22
N VAL A 61 40.26 -25.79 -3.84
CA VAL A 61 39.17 -26.65 -3.38
C VAL A 61 38.51 -27.37 -4.55
N ALA A 62 38.17 -28.64 -4.34
CA ALA A 62 37.47 -29.43 -5.34
C ALA A 62 36.02 -28.98 -5.47
N TYR A 63 35.37 -29.38 -6.56
CA TYR A 63 34.03 -28.94 -6.88
C TYR A 63 33.07 -30.11 -7.02
N ARG A 64 31.82 -29.90 -6.60
CA ARG A 64 30.76 -30.87 -6.83
C ARG A 64 30.43 -30.92 -8.31
N ASP A 65 30.25 -32.14 -8.84
CA ASP A 65 29.77 -32.30 -10.21
C ASP A 65 28.25 -32.41 -10.16
N THR A 66 27.57 -31.42 -10.78
CA THR A 66 26.12 -31.32 -10.63
C THR A 66 25.39 -32.45 -11.35
N GLN A 67 25.75 -32.73 -12.61
CA GLN A 67 24.99 -33.70 -13.38
C GLN A 67 25.12 -35.11 -12.82
N THR A 68 26.33 -35.51 -12.43
CA THR A 68 26.59 -36.80 -11.81
C THR A 68 27.30 -36.57 -10.48
N TYR A 69 26.67 -37.00 -9.39
CA TYR A 69 27.13 -36.68 -8.04
C TYR A 69 28.38 -37.48 -7.69
N ARG A 70 29.47 -37.12 -8.37
CA ARG A 70 30.80 -37.65 -8.11
C ARG A 70 31.75 -36.48 -7.84
N THR A 71 32.50 -36.60 -6.74
CA THR A 71 33.47 -35.56 -6.39
C THR A 71 34.76 -35.79 -7.16
N VAL A 72 35.27 -34.71 -7.76
CA VAL A 72 36.51 -34.73 -8.53
C VAL A 72 37.48 -33.77 -7.89
N TYR A 73 38.71 -34.26 -7.66
CA TYR A 73 39.76 -33.47 -7.02
C TYR A 73 40.89 -33.12 -7.97
N LYS A 74 40.73 -33.39 -9.27
CA LYS A 74 41.83 -33.16 -10.20
C LYS A 74 42.01 -31.65 -10.37
N PRO A 75 43.20 -31.13 -10.11
CA PRO A 75 43.38 -29.66 -10.11
C PRO A 75 43.04 -28.99 -11.43
N THR A 76 43.22 -29.68 -12.56
CA THR A 76 42.91 -29.08 -13.85
C THR A 76 41.43 -28.79 -13.98
N ARG A 77 40.58 -29.70 -13.51
CA ARG A 77 39.14 -29.50 -13.63
C ARG A 77 38.67 -28.32 -12.79
N ILE A 78 39.06 -28.28 -11.51
CA ILE A 78 38.65 -27.17 -10.65
C ILE A 78 39.22 -25.86 -11.18
N ALA A 79 40.46 -25.90 -11.68
CA ALA A 79 41.05 -24.72 -12.32
C ALA A 79 40.16 -24.23 -13.44
N PHE A 80 40.01 -25.04 -14.50
CA PHE A 80 39.24 -24.62 -15.67
C PHE A 80 37.85 -24.14 -15.29
N ARG A 81 37.22 -24.81 -14.32
CA ARG A 81 35.90 -24.37 -13.86
C ARG A 81 35.96 -22.96 -13.28
N TYR A 82 37.02 -22.67 -12.50
CA TYR A 82 37.13 -21.33 -11.93
C TYR A 82 37.47 -20.28 -13.01
N LEU A 83 38.30 -20.71 -13.94
CA LEU A 83 38.64 -19.76 -15.01
C LEU A 83 37.36 -19.41 -15.75
N LYS A 84 36.46 -20.37 -15.94
CA LYS A 84 35.25 -20.13 -16.71
C LYS A 84 34.22 -19.31 -15.92
N SER A 85 33.94 -19.72 -14.68
CA SER A 85 32.76 -19.20 -14.00
C SER A 85 33.01 -17.85 -13.32
N HIS A 86 33.90 -17.81 -12.33
CA HIS A 86 33.96 -16.69 -11.40
C HIS A 86 35.34 -16.23 -10.94
N PHE A 87 36.24 -15.93 -11.88
CA PHE A 87 37.52 -15.35 -11.56
C PHE A 87 37.81 -13.97 -12.16
N LEU A 88 37.49 -13.82 -13.45
CA LEU A 88 37.99 -12.67 -14.20
C LEU A 88 37.47 -11.44 -13.47
N MET A 89 36.21 -11.46 -13.06
CA MET A 89 35.62 -10.24 -12.52
C MET A 89 35.92 -10.11 -11.03
N ASP A 90 36.10 -11.23 -10.32
CA ASP A 90 36.66 -11.16 -8.98
C ASP A 90 38.02 -10.47 -8.89
N PHE A 91 38.94 -10.83 -9.80
CA PHE A 91 40.23 -10.15 -9.85
C PHE A 91 40.12 -8.68 -10.26
N ILE A 92 39.29 -8.41 -11.28
CA ILE A 92 39.22 -7.04 -11.78
C ILE A 92 38.63 -6.19 -10.66
N GLY A 93 37.73 -6.75 -9.85
CA GLY A 93 37.20 -6.01 -8.71
C GLY A 93 38.12 -5.97 -7.53
N CYS A 94 39.05 -6.91 -7.42
CA CYS A 94 40.00 -6.92 -6.33
C CYS A 94 41.15 -5.94 -6.54
N PHE A 95 41.20 -5.30 -7.72
CA PHE A 95 42.19 -4.26 -7.95
C PHE A 95 41.98 -3.11 -6.96
N PRO A 96 43.04 -2.39 -6.60
CA PRO A 96 42.85 -1.17 -5.79
C PRO A 96 42.26 -0.06 -6.64
N TRP A 97 40.97 0.21 -6.46
CA TRP A 97 40.26 1.17 -7.29
C TRP A 97 40.19 2.56 -6.69
N ASP A 98 40.82 2.77 -5.53
CA ASP A 98 40.86 4.09 -4.92
C ASP A 98 42.14 4.85 -5.26
N LEU A 99 43.31 4.26 -5.00
CA LEU A 99 44.55 4.90 -5.38
C LEU A 99 44.65 5.08 -6.89
N ILE A 100 44.06 4.16 -7.66
CA ILE A 100 44.00 4.33 -9.11
C ILE A 100 43.24 5.61 -9.45
N TYR A 101 42.11 5.83 -8.77
CA TYR A 101 41.29 7.01 -9.03
C TYR A 101 42.04 8.29 -8.68
N LYS A 102 42.69 8.31 -7.51
CA LYS A 102 43.39 9.52 -7.09
C LYS A 102 44.60 9.80 -7.97
N ALA A 103 45.35 8.77 -8.35
CA ALA A 103 46.57 8.98 -9.11
C ALA A 103 46.26 9.34 -10.56
N SER A 104 45.29 8.68 -11.17
CA SER A 104 45.02 8.82 -12.61
C SER A 104 44.07 9.98 -12.88
N GLY A 105 44.50 11.18 -12.49
CA GLY A 105 43.81 12.39 -12.87
C GLY A 105 42.42 12.57 -12.31
N LYS A 106 42.02 11.77 -11.33
CA LYS A 106 40.69 11.87 -10.69
C LYS A 106 39.57 11.74 -11.72
N HIS A 107 39.74 10.83 -12.67
CA HIS A 107 38.70 10.56 -13.65
C HIS A 107 37.57 9.76 -13.01
N GLU A 108 36.32 10.12 -13.33
CA GLU A 108 35.19 9.57 -12.61
C GLU A 108 34.85 8.14 -13.07
N LEU A 109 35.19 7.80 -14.31
CA LEU A 109 34.78 6.51 -14.85
C LEU A 109 35.45 5.35 -14.12
N VAL A 110 36.73 5.50 -13.78
CA VAL A 110 37.41 4.44 -13.04
C VAL A 110 36.79 4.28 -11.65
N ARG A 111 36.18 5.34 -11.13
CA ARG A 111 35.43 5.19 -9.88
C ARG A 111 34.10 4.51 -10.13
N TYR A 112 33.47 4.77 -11.28
CA TYR A 112 32.24 4.08 -11.65
C TYR A 112 32.50 2.59 -11.69
N LEU A 113 33.74 2.24 -12.05
CA LEU A 113 34.15 0.84 -12.10
C LEU A 113 34.13 0.18 -10.72
N LEU A 114 34.02 0.97 -9.64
CA LEU A 114 34.01 0.40 -8.29
C LEU A 114 32.78 -0.47 -8.03
N TRP A 115 31.75 -0.37 -8.87
CA TRP A 115 30.54 -1.16 -8.67
C TRP A 115 30.75 -2.63 -8.97
N ILE A 116 31.91 -3.00 -9.52
CA ILE A 116 32.19 -4.41 -9.81
C ILE A 116 32.21 -5.23 -8.52
N ARG A 117 32.60 -4.61 -7.40
CA ARG A 117 32.74 -5.31 -6.14
C ARG A 117 31.41 -5.82 -5.58
N LEU A 118 30.27 -5.38 -6.11
CA LEU A 118 28.99 -5.84 -5.57
C LEU A 118 28.73 -7.32 -5.79
N PHE A 119 29.49 -8.00 -6.64
CA PHE A 119 29.18 -9.42 -6.84
C PHE A 119 29.80 -10.30 -5.77
N ARG A 120 30.36 -9.70 -4.72
CA ARG A 120 30.64 -10.44 -3.49
C ARG A 120 29.37 -10.86 -2.78
N VAL A 121 28.21 -10.29 -3.13
CA VAL A 121 26.93 -10.75 -2.59
C VAL A 121 26.62 -12.17 -3.06
N ARG A 122 27.35 -12.69 -4.04
CA ARG A 122 27.20 -14.10 -4.37
C ARG A 122 27.52 -14.99 -3.19
N LYS A 123 28.36 -14.52 -2.27
CA LYS A 123 28.65 -15.28 -1.06
C LYS A 123 27.42 -15.38 -0.17
N VAL A 124 26.69 -14.28 0.00
CA VAL A 124 25.44 -14.34 0.76
C VAL A 124 24.40 -15.16 0.02
N VAL A 125 24.41 -15.09 -1.32
CA VAL A 125 23.48 -15.88 -2.11
C VAL A 125 23.70 -17.38 -1.88
N GLU A 126 24.97 -17.80 -1.92
CA GLU A 126 25.27 -19.20 -1.64
C GLU A 126 25.02 -19.52 -0.18
N PHE A 127 25.19 -18.54 0.71
CA PHE A 127 24.81 -18.72 2.11
C PHE A 127 23.35 -19.16 2.18
N PHE A 128 22.46 -18.38 1.57
CA PHE A 128 21.04 -18.70 1.62
C PHE A 128 20.69 -19.97 0.87
N GLN A 129 21.44 -20.28 -0.21
CA GLN A 129 21.21 -21.54 -0.91
C GLN A 129 21.52 -22.75 -0.03
N ARG A 130 22.65 -22.71 0.68
CA ARG A 130 22.98 -23.79 1.62
C ARG A 130 21.95 -23.88 2.73
N LEU A 131 21.51 -22.72 3.23
CA LEU A 131 20.50 -22.73 4.29
C LEU A 131 19.20 -23.35 3.81
N GLU A 132 18.82 -23.08 2.55
CA GLU A 132 17.66 -23.75 1.96
C GLU A 132 17.90 -25.25 1.84
N LYS A 133 19.11 -25.64 1.46
CA LYS A 133 19.42 -27.07 1.39
C LYS A 133 19.33 -27.74 2.76
N ASP A 134 19.67 -27.01 3.82
CA ASP A 134 19.60 -27.56 5.16
C ASP A 134 18.15 -27.85 5.55
N THR A 135 17.94 -28.97 6.23
CA THR A 135 16.59 -29.41 6.60
C THR A 135 16.10 -28.82 7.92
N ARG A 136 16.97 -28.14 8.67
CA ARG A 136 16.53 -27.56 9.94
C ARG A 136 15.58 -26.39 9.74
N ILE A 137 15.63 -25.74 8.57
CA ILE A 137 14.85 -24.55 8.28
C ILE A 137 13.91 -24.83 7.12
N ASN A 138 12.68 -24.34 7.22
CA ASN A 138 11.71 -24.50 6.15
C ASN A 138 12.16 -23.75 4.91
N TYR A 139 11.83 -24.32 3.74
CA TYR A 139 12.28 -23.75 2.48
C TYR A 139 11.67 -22.38 2.23
N LEU A 140 10.36 -22.25 2.44
CA LEU A 140 9.70 -20.98 2.16
C LEU A 140 10.08 -19.90 3.16
N PHE A 141 10.35 -20.28 4.41
CA PHE A 141 10.87 -19.31 5.36
C PHE A 141 12.25 -18.81 4.94
N THR A 142 13.09 -19.70 4.41
CA THR A 142 14.38 -19.28 3.87
C THR A 142 14.19 -18.33 2.70
N ARG A 143 13.23 -18.63 1.81
CA ARG A 143 12.97 -17.74 0.69
C ARG A 143 12.49 -16.37 1.17
N ILE A 144 11.64 -16.35 2.19
CA ILE A 144 11.15 -15.08 2.74
C ILE A 144 12.30 -14.27 3.33
N LEU A 145 13.17 -14.93 4.10
CA LEU A 145 14.31 -14.21 4.68
C LEU A 145 15.23 -13.68 3.59
N LYS A 146 15.45 -14.48 2.53
CA LYS A 146 16.30 -14.02 1.44
C LYS A 146 15.68 -12.81 0.74
N LEU A 147 14.37 -12.82 0.54
CA LEU A 147 13.70 -11.68 -0.06
C LEU A 147 13.79 -10.45 0.82
N LEU A 148 13.66 -10.63 2.13
CA LEU A 148 13.78 -9.50 3.04
C LEU A 148 15.18 -8.90 2.99
N PHE A 149 16.21 -9.76 2.97
CA PHE A 149 17.58 -9.26 2.85
C PHE A 149 17.78 -8.54 1.52
N VAL A 150 17.22 -9.09 0.43
CA VAL A 150 17.36 -8.45 -0.87
C VAL A 150 16.69 -7.09 -0.87
N GLU A 151 15.51 -6.99 -0.27
CA GLU A 151 14.81 -5.70 -0.19
C GLU A 151 15.63 -4.69 0.59
N VAL A 152 16.18 -5.11 1.74
CA VAL A 152 16.95 -4.19 2.57
C VAL A 152 18.21 -3.73 1.83
N TYR A 153 18.91 -4.66 1.19
CA TYR A 153 20.13 -4.29 0.47
C TYR A 153 19.83 -3.40 -0.72
N CYS A 154 18.75 -3.68 -1.45
CA CYS A 154 18.38 -2.83 -2.57
C CYS A 154 17.99 -1.44 -2.09
N THR A 155 17.31 -1.36 -0.93
CA THR A 155 17.00 -0.06 -0.36
C THR A 155 18.27 0.71 0.00
N HIS A 156 19.25 0.02 0.60
CA HIS A 156 20.50 0.68 0.97
C HIS A 156 21.24 1.18 -0.28
N THR A 157 21.33 0.34 -1.31
CA THR A 157 22.00 0.74 -2.54
C THR A 157 21.26 1.88 -3.23
N ALA A 158 19.92 1.84 -3.21
CA ALA A 158 19.13 2.91 -3.81
C ALA A 158 19.34 4.21 -3.07
N ALA A 159 19.44 4.15 -1.74
CA ALA A 159 19.74 5.36 -0.97
C ALA A 159 21.10 5.93 -1.35
N CYS A 160 22.11 5.06 -1.49
CA CYS A 160 23.43 5.52 -1.90
C CYS A 160 23.38 6.18 -3.28
N ILE A 161 22.69 5.56 -4.23
CA ILE A 161 22.60 6.11 -5.58
C ILE A 161 21.81 7.42 -5.58
N PHE A 162 20.76 7.49 -4.75
CA PHE A 162 19.95 8.71 -4.69
C PHE A 162 20.76 9.87 -4.13
N TYR A 163 21.60 9.62 -3.12
CA TYR A 163 22.48 10.68 -2.67
C TYR A 163 23.49 11.04 -3.74
N TYR A 164 24.02 10.05 -4.46
CA TYR A 164 25.01 10.33 -5.50
C TYR A 164 24.43 11.23 -6.58
N LEU A 165 23.17 10.99 -6.95
CA LEU A 165 22.54 11.80 -8.00
C LEU A 165 22.42 13.26 -7.60
N ALA A 166 22.51 13.57 -6.31
CA ALA A 166 22.51 14.95 -5.87
C ALA A 166 23.87 15.63 -6.03
N THR A 167 24.95 14.85 -6.04
CA THR A 167 26.29 15.41 -6.18
C THR A 167 26.71 15.58 -7.64
N THR A 168 25.95 15.05 -8.59
CA THR A 168 26.28 15.25 -10.00
C THR A 168 26.15 16.71 -10.41
N LEU A 169 25.13 17.38 -9.90
CA LEU A 169 24.95 18.80 -10.20
C LEU A 169 26.08 19.61 -9.58
N PRO A 170 26.45 20.73 -10.21
CA PRO A 170 27.51 21.56 -9.65
C PRO A 170 27.12 22.08 -8.28
N PRO A 171 28.10 22.31 -7.41
CA PRO A 171 27.78 22.79 -6.06
C PRO A 171 27.05 24.12 -6.03
N GLU A 172 27.31 25.01 -7.00
CA GLU A 172 26.57 26.27 -7.05
C GLU A 172 25.08 26.05 -7.31
N ASN A 173 24.73 25.14 -8.21
CA ASN A 173 23.34 24.85 -8.52
C ASN A 173 22.89 23.62 -7.73
N GLU A 174 22.89 23.77 -6.41
CA GLU A 174 22.61 22.66 -5.51
C GLU A 174 21.20 22.67 -4.93
N GLY A 175 20.51 23.81 -4.95
CA GLY A 175 19.19 23.89 -4.37
C GLY A 175 18.15 23.20 -5.22
N TYR A 176 18.57 22.67 -6.36
CA TYR A 176 17.69 22.03 -7.33
C TYR A 176 17.72 20.51 -7.19
N THR A 177 18.26 20.02 -6.08
CA THR A 177 18.36 18.59 -5.82
C THR A 177 17.37 18.20 -4.73
N TRP A 178 17.23 16.89 -4.52
CA TRP A 178 16.39 16.40 -3.44
C TRP A 178 16.91 16.85 -2.08
N ILE A 179 18.23 16.82 -1.91
CA ILE A 179 18.88 17.35 -0.73
C ILE A 179 19.41 18.72 -1.08
N GLY A 180 19.55 19.57 -0.08
CA GLY A 180 19.85 20.97 -0.28
C GLY A 180 18.63 21.85 -0.37
N SER A 181 17.46 21.26 -0.64
CA SER A 181 16.19 21.95 -0.53
C SER A 181 15.40 21.51 0.70
N LEU A 182 15.91 20.55 1.46
CA LEU A 182 15.24 20.10 2.66
C LEU A 182 15.26 21.19 3.73
N LYS A 183 14.15 21.32 4.45
CA LYS A 183 14.04 22.25 5.57
C LYS A 183 13.33 21.56 6.73
N LEU A 184 13.78 20.35 7.04
CA LEU A 184 13.16 19.55 8.11
C LEU A 184 13.30 20.23 9.46
N GLY A 185 12.19 20.66 10.04
CA GLY A 185 12.24 21.38 11.30
C GLY A 185 13.03 22.67 11.15
N ASP A 186 13.92 22.92 12.11
CA ASP A 186 14.76 24.11 12.08
C ASP A 186 16.04 23.92 11.30
N TYR A 187 16.36 22.70 10.87
CA TYR A 187 17.60 22.42 10.17
C TYR A 187 17.36 22.48 8.67
N SER A 188 18.11 23.33 7.99
CA SER A 188 18.08 23.44 6.53
C SER A 188 19.42 22.96 5.99
N TYR A 189 19.37 22.11 4.96
CA TYR A 189 20.58 21.54 4.37
C TYR A 189 21.18 22.57 3.42
N GLU A 190 21.77 23.61 4.00
CA GLU A 190 22.34 24.69 3.20
C GLU A 190 23.48 24.19 2.33
N ASN A 191 24.52 23.65 2.95
CA ASN A 191 25.64 23.05 2.24
C ASN A 191 25.70 21.58 2.67
N PHE A 192 25.17 20.69 1.83
CA PHE A 192 25.03 19.29 2.20
C PHE A 192 26.30 18.49 1.97
N ARG A 193 27.37 19.10 1.45
CA ARG A 193 28.65 18.42 1.34
C ARG A 193 29.55 18.67 2.54
N GLU A 194 29.13 19.50 3.48
CA GLU A 194 29.90 19.78 4.69
C GLU A 194 29.29 19.12 5.92
N ILE A 195 28.15 18.45 5.79
CA ILE A 195 27.50 17.81 6.90
C ILE A 195 28.18 16.46 7.18
N ASP A 196 27.95 15.93 8.37
CA ASP A 196 28.55 14.65 8.74
C ASP A 196 28.02 13.54 7.83
N LEU A 197 28.85 12.53 7.63
CA LEU A 197 28.47 11.42 6.75
C LEU A 197 27.23 10.72 7.25
N TRP A 198 27.12 10.54 8.57
CA TRP A 198 26.01 9.76 9.10
C TRP A 198 24.68 10.48 8.96
N LYS A 199 24.67 11.81 9.06
CA LYS A 199 23.42 12.54 8.86
C LYS A 199 22.91 12.40 7.43
N ARG A 200 23.79 12.59 6.45
CA ARG A 200 23.38 12.45 5.06
C ARG A 200 22.96 11.02 4.75
N TYR A 201 23.71 10.04 5.26
CA TYR A 201 23.34 8.65 5.02
C TYR A 201 22.00 8.32 5.64
N THR A 202 21.74 8.82 6.86
CA THR A 202 20.47 8.53 7.52
C THR A 202 19.31 9.22 6.79
N THR A 203 19.51 10.44 6.30
CA THR A 203 18.46 11.10 5.52
C THR A 203 18.14 10.31 4.26
N ALA A 204 19.17 9.91 3.51
CA ALA A 204 18.95 9.16 2.28
C ALA A 204 18.28 7.82 2.57
N LEU A 205 18.73 7.13 3.62
CA LEU A 205 18.14 5.85 3.98
C LEU A 205 16.70 6.02 4.44
N TYR A 206 16.40 7.11 5.15
CA TYR A 206 15.04 7.37 5.57
C TYR A 206 14.13 7.56 4.36
N PHE A 207 14.58 8.34 3.38
CA PHE A 207 13.78 8.51 2.17
C PHE A 207 13.57 7.19 1.46
N ALA A 208 14.65 6.41 1.29
CA ALA A 208 14.53 5.14 0.58
C ALA A 208 13.63 4.17 1.32
N ILE A 209 13.71 4.13 2.65
CA ILE A 209 12.93 3.19 3.42
C ILE A 209 11.45 3.54 3.40
N VAL A 210 11.12 4.83 3.57
CA VAL A 210 9.70 5.20 3.49
C VAL A 210 9.15 5.15 2.07
N THR A 211 10.01 5.20 1.05
CA THR A 211 9.53 4.92 -0.29
C THR A 211 9.29 3.43 -0.52
N MET A 212 10.03 2.54 0.12
CA MET A 212 9.89 1.08 -0.10
C MET A 212 8.66 0.57 0.64
N ALA A 213 8.37 1.10 1.82
CA ALA A 213 7.25 0.60 2.63
C ALA A 213 5.99 1.09 1.95
N THR A 214 6.08 2.13 1.13
CA THR A 214 4.98 2.78 0.38
C THR A 214 4.31 3.78 1.29
N VAL A 215 4.98 4.26 2.31
CA VAL A 215 4.29 5.27 3.12
C VAL A 215 4.37 6.49 2.24
N GLY A 216 5.53 6.90 1.86
CA GLY A 216 5.71 8.12 1.07
C GLY A 216 5.10 9.24 1.84
N TYR A 217 5.88 9.97 2.56
CA TYR A 217 5.29 10.99 3.40
C TYR A 217 5.31 12.20 2.51
N GLY A 218 6.48 12.65 2.14
CA GLY A 218 6.53 13.73 1.15
C GLY A 218 7.41 14.85 1.62
N ASP A 219 8.14 14.64 2.70
CA ASP A 219 9.11 15.64 3.22
C ASP A 219 10.35 15.61 2.36
N ILE A 220 10.81 14.43 1.94
CA ILE A 220 11.97 14.24 1.05
C ILE A 220 11.44 13.61 -0.24
N HIS A 221 11.48 14.30 -1.38
CA HIS A 221 11.02 13.84 -2.67
C HIS A 221 12.02 14.25 -3.74
N ALA A 222 11.70 13.91 -4.98
CA ALA A 222 12.58 14.19 -6.12
C ALA A 222 12.29 15.56 -6.70
N VAL A 223 13.36 16.25 -7.10
CA VAL A 223 13.26 17.56 -7.74
C VAL A 223 13.90 17.56 -9.12
N ASN A 224 15.11 17.03 -9.21
CA ASN A 224 15.81 16.94 -10.48
C ASN A 224 15.07 16.01 -11.45
N LEU A 225 15.42 16.12 -12.72
CA LEU A 225 14.86 15.20 -13.70
C LEU A 225 15.48 13.82 -13.60
N ARG A 226 16.78 13.75 -13.28
CA ARG A 226 17.43 12.46 -13.04
C ARG A 226 16.87 11.78 -11.81
N GLU A 227 16.61 12.54 -10.75
CA GLU A 227 16.01 11.97 -9.54
C GLU A 227 14.62 11.44 -9.81
N MET A 228 13.84 12.14 -10.64
CA MET A 228 12.51 11.64 -11.00
C MET A 228 12.59 10.29 -11.69
N ILE A 229 13.49 10.15 -12.66
CA ILE A 229 13.64 8.89 -13.37
C ILE A 229 14.10 7.79 -12.43
N PHE A 230 15.05 8.10 -11.54
CA PHE A 230 15.50 7.10 -10.59
C PHE A 230 14.38 6.67 -9.66
N VAL A 231 13.55 7.62 -9.22
CA VAL A 231 12.45 7.28 -8.34
C VAL A 231 11.44 6.40 -9.05
N MET A 232 11.14 6.70 -10.32
CA MET A 232 10.22 5.85 -11.08
C MET A 232 10.76 4.43 -11.21
N ILE A 233 12.04 4.30 -11.55
CA ILE A 233 12.63 2.97 -11.68
C ILE A 233 12.61 2.23 -10.34
N TYR A 234 12.98 2.94 -9.27
CA TYR A 234 13.01 2.34 -7.94
C TYR A 234 11.63 1.83 -7.55
N VAL A 235 10.60 2.67 -7.67
CA VAL A 235 9.28 2.24 -7.23
C VAL A 235 8.73 1.14 -8.13
N SER A 236 9.03 1.18 -9.43
CA SER A 236 8.56 0.12 -10.31
C SER A 236 9.17 -1.22 -9.95
N PHE A 237 10.44 -1.24 -9.57
CA PHE A 237 11.07 -2.49 -9.16
C PHE A 237 10.63 -2.91 -7.75
N ASP A 238 10.43 -1.93 -6.87
CA ASP A 238 10.04 -2.20 -5.49
C ASP A 238 8.63 -2.76 -5.41
N MET A 239 7.73 -2.32 -6.30
CA MET A 239 6.38 -2.87 -6.29
C MET A 239 6.40 -4.36 -6.59
N VAL A 240 7.18 -4.77 -7.59
CA VAL A 240 7.29 -6.19 -7.90
C VAL A 240 7.94 -6.95 -6.76
N LEU A 241 8.97 -6.36 -6.14
CA LEU A 241 9.61 -7.02 -5.01
C LEU A 241 8.63 -7.24 -3.86
N GLY A 242 7.83 -6.22 -3.53
CA GLY A 242 6.87 -6.35 -2.45
C GLY A 242 5.76 -7.32 -2.77
N ALA A 243 5.30 -7.34 -4.02
CA ALA A 243 4.30 -8.32 -4.42
C ALA A 243 4.86 -9.73 -4.31
N TYR A 244 6.13 -9.92 -4.67
CA TYR A 244 6.76 -11.22 -4.52
C TYR A 244 6.87 -11.63 -3.06
N LEU A 245 7.21 -10.68 -2.18
CA LEU A 245 7.28 -10.99 -0.76
C LEU A 245 5.91 -11.40 -0.21
N ILE A 246 4.86 -10.66 -0.58
CA ILE A 246 3.52 -11.02 -0.15
C ILE A 246 3.14 -12.38 -0.69
N GLY A 247 3.51 -12.67 -1.93
CA GLY A 247 3.22 -13.98 -2.50
C GLY A 247 3.90 -15.11 -1.78
N ASN A 248 5.18 -14.94 -1.44
CA ASN A 248 5.88 -15.98 -0.69
C ASN A 248 5.28 -16.19 0.68
N ILE A 249 4.94 -15.10 1.39
CA ILE A 249 4.35 -15.25 2.71
C ILE A 249 3.01 -15.96 2.62
N THR A 250 2.18 -15.57 1.65
CA THR A 250 0.88 -16.21 1.50
C THR A 250 1.02 -17.67 1.13
N ALA A 251 1.99 -18.00 0.28
CA ALA A 251 2.21 -19.40 -0.09
C ALA A 251 2.63 -20.23 1.12
N LEU A 252 3.54 -19.68 1.94
CA LEU A 252 3.95 -20.40 3.15
C LEU A 252 2.76 -20.62 4.08
N ILE A 253 1.91 -19.60 4.24
CA ILE A 253 0.78 -19.72 5.14
C ILE A 253 -0.24 -20.73 4.61
N VAL A 254 -0.53 -20.68 3.31
CA VAL A 254 -1.58 -21.53 2.74
C VAL A 254 -1.13 -22.97 2.67
N LYS A 255 0.06 -23.22 2.13
CA LYS A 255 0.50 -24.58 1.83
C LYS A 255 1.23 -25.23 3.01
N GLY A 256 2.21 -24.54 3.58
CA GLY A 256 2.97 -25.07 4.71
C GLY A 256 2.16 -25.22 5.97
N ILE B 1 -2.29 -17.44 -47.96
CA ILE B 1 -0.95 -17.33 -47.38
C ILE B 1 -0.80 -18.31 -46.22
N HIS B 2 0.34 -19.00 -46.20
CA HIS B 2 0.58 -19.98 -45.15
C HIS B 2 0.86 -19.28 -43.82
N PRO B 3 0.09 -19.58 -42.78
CA PRO B 3 0.17 -18.77 -41.55
C PRO B 3 1.55 -18.73 -40.90
N LYS B 4 2.31 -19.81 -40.95
CA LYS B 4 3.58 -19.92 -40.24
C LYS B 4 4.76 -19.48 -41.12
N ASN B 5 4.49 -19.04 -42.35
CA ASN B 5 5.56 -18.66 -43.28
C ASN B 5 6.61 -17.69 -42.74
N ARG B 6 7.87 -17.98 -43.05
CA ARG B 6 8.98 -17.25 -42.43
C ARG B 6 8.91 -15.71 -42.68
N TRP B 7 8.66 -15.34 -43.93
CA TRP B 7 8.30 -13.97 -44.24
C TRP B 7 7.12 -13.32 -43.52
N TYR B 8 6.03 -14.08 -43.36
CA TYR B 8 4.88 -13.55 -42.61
C TYR B 8 5.22 -13.33 -41.15
N LYS B 9 6.06 -14.20 -40.57
CA LYS B 9 6.48 -14.01 -39.19
C LYS B 9 7.31 -12.74 -39.04
N ALA B 10 8.22 -12.49 -39.98
CA ALA B 10 9.00 -11.27 -39.95
C ALA B 10 8.10 -10.05 -40.11
N TRP B 11 7.11 -10.12 -40.99
CA TRP B 11 6.15 -9.03 -41.14
C TRP B 11 5.37 -8.81 -39.86
N GLU B 12 5.00 -9.90 -39.18
CA GLU B 12 4.28 -9.79 -37.92
C GLU B 12 5.12 -9.08 -36.87
N MET B 13 6.40 -9.44 -36.78
CA MET B 13 7.29 -8.76 -35.83
C MET B 13 7.44 -7.28 -36.18
N PHE B 14 7.58 -6.98 -37.48
CA PHE B 14 7.71 -5.60 -37.93
C PHE B 14 6.49 -4.78 -37.55
N ILE B 15 5.30 -5.32 -37.81
CA ILE B 15 4.08 -4.61 -37.48
C ILE B 15 3.88 -4.57 -35.97
N LEU B 16 4.42 -5.53 -35.24
CA LEU B 16 4.37 -5.46 -33.78
C LEU B 16 5.18 -4.28 -33.27
N VAL B 17 6.38 -4.09 -33.80
CA VAL B 17 7.19 -2.94 -33.40
C VAL B 17 6.50 -1.64 -33.77
N TRP B 18 5.93 -1.58 -34.97
CA TRP B 18 5.21 -0.36 -35.37
C TRP B 18 4.00 -0.12 -34.48
N ALA B 19 3.28 -1.18 -34.10
CA ALA B 19 2.12 -1.03 -33.24
C ALA B 19 2.52 -0.56 -31.85
N ILE B 20 3.63 -1.08 -31.32
CA ILE B 20 4.12 -0.61 -30.02
C ILE B 20 4.46 0.86 -30.09
N TYR B 21 5.15 1.29 -31.15
CA TYR B 21 5.48 2.70 -31.30
C TYR B 21 4.23 3.56 -31.39
N SER B 22 3.25 3.11 -32.18
CA SER B 22 2.04 3.91 -32.36
C SER B 22 1.23 4.00 -31.08
N SER B 23 1.15 2.89 -30.33
CA SER B 23 0.40 2.90 -29.07
C SER B 23 1.10 3.78 -28.03
N LEU B 24 2.43 3.79 -28.03
CA LEU B 24 3.14 4.65 -27.09
C LEU B 24 3.09 6.12 -27.50
N PHE B 25 2.95 6.41 -28.80
CA PHE B 25 2.99 7.79 -29.27
C PHE B 25 1.63 8.46 -29.35
N THR B 26 0.56 7.72 -29.61
CA THR B 26 -0.74 8.35 -29.83
C THR B 26 -1.23 9.13 -28.61
N PRO B 27 -1.19 8.60 -27.38
CA PRO B 27 -1.53 9.46 -26.24
C PRO B 27 -0.64 10.68 -26.12
N MET B 28 0.66 10.54 -26.41
CA MET B 28 1.55 11.69 -26.42
C MET B 28 1.13 12.69 -27.50
N GLU B 29 0.83 12.17 -28.69
CA GLU B 29 0.33 12.99 -29.79
C GLU B 29 -0.89 13.81 -29.37
N PHE B 30 -1.86 13.16 -28.73
CA PHE B 30 -3.11 13.82 -28.38
C PHE B 30 -2.93 14.81 -27.25
N GLY B 31 -2.17 14.43 -26.23
CA GLY B 31 -2.06 15.25 -25.03
C GLY B 31 -1.07 16.40 -25.14
N PHE B 32 0.17 16.10 -25.52
CA PHE B 32 1.22 17.10 -25.45
C PHE B 32 1.28 17.99 -26.70
N PHE B 33 0.45 17.74 -27.71
CA PHE B 33 0.56 18.44 -28.98
C PHE B 33 -0.84 18.84 -29.45
N ARG B 34 -1.11 20.13 -29.50
CA ARG B 34 -2.33 20.63 -30.14
C ARG B 34 -2.07 20.79 -31.63
N GLY B 35 -1.92 19.64 -32.29
CA GLY B 35 -1.51 19.58 -33.67
C GLY B 35 -0.04 19.21 -33.77
N LEU B 36 0.28 18.27 -34.66
CA LEU B 36 1.65 17.83 -34.80
C LEU B 36 2.53 18.97 -35.30
N PRO B 37 3.81 19.00 -34.91
CA PRO B 37 4.74 19.92 -35.55
C PRO B 37 5.26 19.38 -36.86
N GLU B 38 5.93 20.25 -37.61
CA GLU B 38 6.25 19.95 -39.00
C GLU B 38 7.20 18.77 -39.12
N ARG B 39 8.18 18.67 -38.21
CA ARG B 39 9.29 17.74 -38.42
C ARG B 39 8.82 16.29 -38.51
N LEU B 40 7.88 15.90 -37.66
CA LEU B 40 7.44 14.51 -37.69
C LEU B 40 6.48 14.20 -38.83
N PHE B 41 6.14 15.17 -39.67
CA PHE B 41 5.13 14.97 -40.71
C PHE B 41 5.32 13.64 -41.42
N VAL B 42 6.45 13.49 -42.13
CA VAL B 42 6.66 12.29 -42.93
C VAL B 42 6.58 11.05 -42.07
N LEU B 43 7.13 11.10 -40.85
CA LEU B 43 7.07 9.96 -39.95
C LEU B 43 5.63 9.47 -39.81
N ASP B 44 4.71 10.40 -39.50
CA ASP B 44 3.31 10.02 -39.39
C ASP B 44 2.86 9.31 -40.65
N ILE B 45 3.09 9.91 -41.81
CA ILE B 45 2.65 9.31 -43.06
C ILE B 45 3.21 7.91 -43.19
N VAL B 46 4.49 7.73 -42.86
CA VAL B 46 5.09 6.41 -42.99
C VAL B 46 4.30 5.39 -42.20
N GLY B 47 4.03 5.70 -40.92
CA GLY B 47 3.24 4.79 -40.11
C GLY B 47 1.94 4.41 -40.81
N GLN B 48 1.22 5.42 -41.30
CA GLN B 48 -0.05 5.15 -41.97
C GLN B 48 0.14 4.12 -43.07
N ILE B 49 1.09 4.37 -43.98
CA ILE B 49 1.20 3.47 -45.13
C ILE B 49 1.58 2.08 -44.66
N ALA B 50 2.42 2.00 -43.63
CA ALA B 50 2.79 0.69 -43.10
C ALA B 50 1.54 -0.07 -42.70
N PHE B 51 0.69 0.55 -41.88
CA PHE B 51 -0.52 -0.14 -41.46
C PHE B 51 -1.42 -0.39 -42.65
N LEU B 52 -1.45 0.54 -43.62
CA LEU B 52 -2.16 0.26 -44.86
C LEU B 52 -1.70 -1.06 -45.47
N VAL B 53 -0.38 -1.20 -45.65
CA VAL B 53 0.13 -2.45 -46.18
C VAL B 53 -0.35 -3.61 -45.34
N ASP B 54 -0.31 -3.44 -44.01
CA ASP B 54 -0.76 -4.51 -43.12
C ASP B 54 -2.17 -4.95 -43.46
N ILE B 55 -3.11 -3.99 -43.55
CA ILE B 55 -4.48 -4.41 -43.82
C ILE B 55 -4.59 -4.98 -45.21
N VAL B 56 -3.81 -4.45 -46.16
CA VAL B 56 -3.79 -5.01 -47.50
C VAL B 56 -3.32 -6.45 -47.44
N LEU B 57 -2.33 -6.74 -46.60
CA LEU B 57 -1.88 -8.11 -46.44
C LEU B 57 -2.84 -8.92 -45.59
N GLN B 58 -3.59 -8.27 -44.69
CA GLN B 58 -4.43 -9.01 -43.75
C GLN B 58 -5.59 -9.69 -44.47
N PHE B 59 -5.94 -9.18 -45.65
CA PHE B 59 -7.01 -9.80 -46.43
C PHE B 59 -6.54 -11.09 -47.09
N PHE B 60 -5.22 -11.32 -47.11
CA PHE B 60 -4.68 -12.46 -47.86
C PHE B 60 -4.48 -13.68 -46.96
N VAL B 61 -4.20 -13.45 -45.67
CA VAL B 61 -3.78 -14.54 -44.80
C VAL B 61 -4.96 -15.43 -44.43
N ALA B 62 -4.71 -16.73 -44.40
CA ALA B 62 -5.72 -17.69 -43.96
C ALA B 62 -5.94 -17.60 -42.46
N TYR B 63 -7.11 -18.06 -42.01
CA TYR B 63 -7.48 -17.99 -40.60
C TYR B 63 -7.74 -19.40 -40.07
N ARG B 64 -7.44 -19.61 -38.80
CA ARG B 64 -7.73 -20.87 -38.14
C ARG B 64 -9.18 -20.89 -37.64
N ASP B 65 -9.83 -22.03 -37.83
CA ASP B 65 -11.19 -22.23 -37.34
C ASP B 65 -11.11 -22.76 -35.91
N THR B 66 -11.52 -21.93 -34.95
CA THR B 66 -11.36 -22.28 -33.55
C THR B 66 -12.21 -23.49 -33.16
N GLN B 67 -13.45 -23.55 -33.66
CA GLN B 67 -14.35 -24.63 -33.27
C GLN B 67 -13.82 -25.98 -33.72
N THR B 68 -13.50 -26.12 -35.01
CA THR B 68 -12.92 -27.33 -35.56
C THR B 68 -11.57 -26.99 -36.17
N TYR B 69 -10.52 -27.63 -35.68
CA TYR B 69 -9.14 -27.24 -36.02
C TYR B 69 -8.88 -27.64 -37.47
N ARG B 70 -9.54 -26.91 -38.38
CA ARG B 70 -9.32 -27.01 -39.80
C ARG B 70 -9.01 -25.71 -40.51
N THR B 71 -7.84 -25.61 -41.12
CA THR B 71 -7.39 -24.37 -41.74
C THR B 71 -8.15 -24.20 -43.04
N VAL B 72 -8.51 -22.94 -43.34
CA VAL B 72 -9.27 -22.60 -44.54
C VAL B 72 -8.48 -21.54 -45.31
N TYR B 73 -8.32 -21.77 -46.62
CA TYR B 73 -7.65 -20.83 -47.50
C TYR B 73 -8.58 -20.18 -48.50
N LYS B 74 -9.89 -20.40 -48.38
CA LYS B 74 -10.83 -19.83 -49.32
C LYS B 74 -10.94 -18.33 -49.04
N PRO B 75 -10.60 -17.47 -50.02
CA PRO B 75 -10.49 -16.03 -49.72
C PRO B 75 -11.80 -15.38 -49.29
N THR B 76 -12.95 -15.93 -49.70
CA THR B 76 -14.22 -15.35 -49.28
C THR B 76 -14.42 -15.46 -47.77
N ARG B 77 -14.06 -16.61 -47.18
CA ARG B 77 -14.22 -16.79 -45.74
C ARG B 77 -13.34 -15.81 -44.97
N ILE B 78 -12.07 -15.69 -45.35
CA ILE B 78 -11.17 -14.78 -44.62
C ILE B 78 -11.60 -13.34 -44.84
N ALA B 79 -12.09 -13.01 -46.03
CA ALA B 79 -12.57 -11.66 -46.31
C ALA B 79 -13.76 -11.32 -45.44
N PHE B 80 -14.72 -12.23 -45.34
CA PHE B 80 -15.89 -11.98 -44.50
C PHE B 80 -15.50 -11.89 -43.02
N ARG B 81 -14.59 -12.75 -42.58
CA ARG B 81 -14.15 -12.72 -41.19
C ARG B 81 -13.49 -11.39 -40.85
N TYR B 82 -12.64 -10.88 -41.74
CA TYR B 82 -12.00 -9.59 -41.49
C TYR B 82 -13.02 -8.45 -41.57
N LEU B 83 -13.93 -8.49 -42.55
CA LEU B 83 -15.01 -7.52 -42.62
C LEU B 83 -15.80 -7.46 -41.32
N LYS B 84 -16.01 -8.61 -40.68
CA LYS B 84 -16.81 -8.64 -39.46
C LYS B 84 -16.00 -8.16 -38.25
N SER B 85 -14.81 -8.71 -38.06
CA SER B 85 -14.12 -8.54 -36.77
C SER B 85 -13.34 -7.23 -36.68
N HIS B 86 -12.32 -7.07 -37.51
CA HIS B 86 -11.29 -6.07 -37.27
C HIS B 86 -10.93 -5.30 -38.54
N PHE B 87 -11.93 -4.81 -39.27
CA PHE B 87 -11.67 -4.03 -40.48
C PHE B 87 -12.04 -2.57 -40.29
N LEU B 88 -13.29 -2.28 -39.91
CA LEU B 88 -13.78 -0.91 -39.94
C LEU B 88 -12.95 -0.01 -39.05
N MET B 89 -12.62 -0.48 -37.85
CA MET B 89 -11.92 0.38 -36.90
C MET B 89 -10.48 0.65 -37.32
N ASP B 90 -9.79 -0.37 -37.84
CA ASP B 90 -8.44 -0.15 -38.36
C ASP B 90 -8.45 0.86 -39.51
N PHE B 91 -9.43 0.72 -40.41
CA PHE B 91 -9.54 1.65 -41.53
C PHE B 91 -9.77 3.07 -41.02
N ILE B 92 -10.75 3.27 -40.14
CA ILE B 92 -11.06 4.62 -39.68
C ILE B 92 -9.91 5.18 -38.85
N GLY B 93 -9.14 4.34 -38.17
CA GLY B 93 -8.00 4.82 -37.41
C GLY B 93 -6.77 5.11 -38.23
N CYS B 94 -6.67 4.53 -39.42
CA CYS B 94 -5.53 4.77 -40.28
C CYS B 94 -5.71 6.00 -41.18
N PHE B 95 -6.85 6.69 -41.05
CA PHE B 95 -7.01 7.97 -41.73
C PHE B 95 -5.96 8.97 -41.22
N PRO B 96 -5.54 9.90 -42.07
CA PRO B 96 -4.67 10.97 -41.58
C PRO B 96 -5.45 11.95 -40.71
N TRP B 97 -5.28 11.86 -39.40
CA TRP B 97 -6.08 12.64 -38.46
C TRP B 97 -5.40 13.92 -38.02
N ASP B 98 -4.22 14.23 -38.56
CA ASP B 98 -3.52 15.47 -38.24
C ASP B 98 -3.78 16.56 -39.27
N LEU B 99 -3.55 16.27 -40.55
CA LEU B 99 -3.88 17.24 -41.60
C LEU B 99 -5.38 17.52 -41.64
N ILE B 100 -6.20 16.53 -41.32
CA ILE B 100 -7.64 16.75 -41.21
C ILE B 100 -7.92 17.79 -40.13
N TYR B 101 -7.26 17.65 -38.99
CA TYR B 101 -7.47 18.58 -37.88
C TYR B 101 -7.04 19.99 -38.25
N LYS B 102 -5.86 20.12 -38.86
CA LYS B 102 -5.35 21.45 -39.20
C LYS B 102 -6.19 22.11 -40.28
N ALA B 103 -6.62 21.35 -41.29
CA ALA B 103 -7.35 21.94 -42.41
C ALA B 103 -8.78 22.28 -42.01
N SER B 104 -9.44 21.41 -41.25
CA SER B 104 -10.88 21.56 -40.97
C SER B 104 -11.10 22.43 -39.73
N GLY B 105 -10.62 23.67 -39.81
CA GLY B 105 -10.94 24.67 -38.80
C GLY B 105 -10.43 24.39 -37.41
N LYS B 106 -9.50 23.45 -37.24
CA LYS B 106 -8.91 23.14 -35.94
C LYS B 106 -9.98 22.79 -34.91
N HIS B 107 -10.95 21.97 -35.33
CA HIS B 107 -12.00 21.53 -34.41
C HIS B 107 -11.48 20.41 -33.52
N GLU B 108 -11.82 20.48 -32.23
CA GLU B 108 -11.17 19.62 -31.25
C GLU B 108 -11.69 18.20 -31.31
N LEU B 109 -12.93 18.01 -31.76
CA LEU B 109 -13.51 16.67 -31.76
C LEU B 109 -12.79 15.74 -32.73
N VAL B 110 -12.39 16.26 -33.89
CA VAL B 110 -11.67 15.42 -34.85
C VAL B 110 -10.33 14.99 -34.29
N ARG B 111 -9.76 15.78 -33.37
CA ARG B 111 -8.55 15.35 -32.70
C ARG B 111 -8.87 14.37 -31.57
N TYR B 112 -10.03 14.51 -30.94
CA TYR B 112 -10.47 13.54 -29.95
C TYR B 112 -10.59 12.18 -30.62
N LEU B 113 -10.91 12.19 -31.90
CA LEU B 113 -11.01 10.96 -32.67
C LEU B 113 -9.66 10.25 -32.81
N LEU B 114 -8.56 10.91 -32.47
CA LEU B 114 -7.23 10.32 -32.59
C LEU B 114 -7.05 9.11 -31.69
N TRP B 115 -7.91 8.94 -30.68
CA TRP B 115 -7.79 7.82 -29.76
C TRP B 115 -8.19 6.49 -30.39
N ILE B 116 -8.72 6.51 -31.61
CA ILE B 116 -9.13 5.26 -32.26
C ILE B 116 -7.91 4.38 -32.50
N ARG B 117 -6.74 4.98 -32.71
CA ARG B 117 -5.51 4.23 -32.96
C ARG B 117 -5.08 3.36 -31.81
N LEU B 118 -5.63 3.56 -30.60
CA LEU B 118 -5.23 2.77 -29.45
C LEU B 118 -5.58 1.30 -29.58
N PHE B 119 -6.31 0.88 -30.62
CA PHE B 119 -6.61 -0.53 -30.77
C PHE B 119 -5.50 -1.29 -31.48
N ARG B 120 -4.42 -0.61 -31.85
CA ARG B 120 -3.22 -1.31 -32.32
C ARG B 120 -2.57 -2.12 -31.22
N VAL B 121 -2.93 -1.87 -29.95
CA VAL B 121 -2.46 -2.71 -28.85
C VAL B 121 -2.97 -4.14 -28.95
N ARG B 122 -3.96 -4.38 -29.81
CA ARG B 122 -4.38 -5.75 -30.06
C ARG B 122 -3.24 -6.60 -30.62
N LYS B 123 -2.29 -5.96 -31.32
CA LYS B 123 -1.12 -6.68 -31.79
C LYS B 123 -0.28 -7.20 -30.64
N VAL B 124 -0.03 -6.35 -29.64
CA VAL B 124 0.71 -6.79 -28.46
C VAL B 124 -0.09 -7.81 -27.67
N VAL B 125 -1.41 -7.67 -27.63
CA VAL B 125 -2.25 -8.63 -26.92
C VAL B 125 -2.13 -10.02 -27.56
N GLU B 126 -2.22 -10.07 -28.89
CA GLU B 126 -2.04 -11.34 -29.59
C GLU B 126 -0.62 -11.87 -29.43
N PHE B 127 0.37 -10.98 -29.38
CA PHE B 127 1.75 -11.40 -29.15
C PHE B 127 1.86 -12.13 -27.81
N PHE B 128 1.27 -11.53 -26.76
CA PHE B 128 1.31 -12.17 -25.45
C PHE B 128 0.50 -13.46 -25.44
N GLN B 129 -0.59 -13.52 -26.20
CA GLN B 129 -1.34 -14.77 -26.31
C GLN B 129 -0.51 -15.87 -26.94
N ARG B 130 0.22 -15.55 -28.01
CA ARG B 130 1.10 -16.54 -28.63
C ARG B 130 2.20 -16.96 -27.67
N LEU B 131 2.75 -16.01 -26.92
CA LEU B 131 3.79 -16.34 -25.94
C LEU B 131 3.24 -17.27 -24.87
N GLU B 132 2.01 -17.03 -24.43
CA GLU B 132 1.36 -17.95 -23.50
C GLU B 132 1.20 -19.34 -24.12
N LYS B 133 0.80 -19.39 -25.38
CA LYS B 133 0.64 -20.68 -26.05
C LYS B 133 1.96 -21.43 -26.16
N ASP B 134 3.07 -20.71 -26.28
CA ASP B 134 4.38 -21.34 -26.36
C ASP B 134 4.72 -22.02 -25.03
N THR B 135 5.34 -23.21 -25.13
CA THR B 135 5.66 -24.01 -23.96
C THR B 135 6.99 -23.66 -23.33
N ARG B 136 7.80 -22.81 -23.98
CA ARG B 136 9.09 -22.45 -23.40
C ARG B 136 8.94 -21.57 -22.17
N ILE B 137 7.81 -20.87 -22.04
CA ILE B 137 7.59 -19.91 -20.96
C ILE B 137 6.40 -20.37 -20.14
N ASN B 138 6.51 -20.23 -18.82
CA ASN B 138 5.41 -20.59 -17.92
C ASN B 138 4.21 -19.70 -18.16
N TYR B 139 3.02 -20.27 -17.99
CA TYR B 139 1.78 -19.56 -18.30
C TYR B 139 1.59 -18.36 -17.37
N LEU B 140 1.75 -18.57 -16.07
CA LEU B 140 1.50 -17.49 -15.12
C LEU B 140 2.56 -16.41 -15.19
N PHE B 141 3.80 -16.77 -15.51
CA PHE B 141 4.82 -15.75 -15.75
C PHE B 141 4.46 -14.88 -16.95
N THR B 142 3.94 -15.50 -18.02
CA THR B 142 3.47 -14.73 -19.16
C THR B 142 2.31 -13.81 -18.77
N ARG B 143 1.37 -14.32 -17.97
CA ARG B 143 0.26 -13.50 -17.52
C ARG B 143 0.74 -12.30 -16.71
N ILE B 144 1.73 -12.52 -15.84
CA ILE B 144 2.23 -11.43 -15.00
C ILE B 144 3.01 -10.42 -15.83
N LEU B 145 3.78 -10.88 -16.81
CA LEU B 145 4.45 -9.94 -17.69
C LEU B 145 3.43 -9.11 -18.47
N LYS B 146 2.35 -9.73 -18.92
CA LYS B 146 1.29 -8.99 -19.60
C LYS B 146 0.65 -7.97 -18.67
N LEU B 147 0.42 -8.36 -17.42
CA LEU B 147 -0.17 -7.45 -16.44
C LEU B 147 0.74 -6.26 -16.17
N LEU B 148 2.04 -6.52 -16.06
CA LEU B 148 2.99 -5.43 -15.84
C LEU B 148 3.03 -4.48 -17.04
N PHE B 149 2.99 -5.03 -18.26
CA PHE B 149 2.94 -4.18 -19.44
C PHE B 149 1.65 -3.35 -19.45
N VAL B 150 0.53 -3.96 -19.07
CA VAL B 150 -0.74 -3.24 -19.04
C VAL B 150 -0.68 -2.11 -18.02
N GLU B 151 -0.11 -2.38 -16.84
CA GLU B 151 0.02 -1.35 -15.82
C GLU B 151 0.88 -0.19 -16.32
N VAL B 152 2.02 -0.51 -16.94
CA VAL B 152 2.91 0.54 -17.44
C VAL B 152 2.23 1.37 -18.52
N TYR B 153 1.54 0.70 -19.45
CA TYR B 153 0.88 1.44 -20.53
C TYR B 153 -0.27 2.28 -20.01
N CYS B 154 -1.04 1.75 -19.05
CA CYS B 154 -2.12 2.54 -18.47
C CYS B 154 -1.58 3.73 -17.71
N THR B 155 -0.43 3.56 -17.02
CA THR B 155 0.20 4.69 -16.37
C THR B 155 0.65 5.75 -17.37
N HIS B 156 1.23 5.32 -18.48
CA HIS B 156 1.65 6.26 -19.51
C HIS B 156 0.46 7.03 -20.10
N THR B 157 -0.62 6.31 -20.41
CA THR B 157 -1.81 6.95 -20.95
C THR B 157 -2.43 7.89 -19.92
N ALA B 158 -2.45 7.49 -18.65
CA ALA B 158 -2.99 8.34 -17.60
C ALA B 158 -2.16 9.60 -17.44
N ALA B 159 -0.84 9.49 -17.56
CA ALA B 159 0.00 10.68 -17.52
C ALA B 159 -0.31 11.62 -18.68
N CYS B 160 -0.48 11.07 -19.87
CA CYS B 160 -0.83 11.90 -21.03
C CYS B 160 -2.17 12.61 -20.81
N ILE B 161 -3.17 11.89 -20.32
CA ILE B 161 -4.48 12.48 -20.10
C ILE B 161 -4.42 13.52 -18.98
N PHE B 162 -3.62 13.25 -17.94
CA PHE B 162 -3.51 14.18 -16.83
C PHE B 162 -2.86 15.49 -17.28
N TYR B 163 -1.85 15.40 -18.15
CA TYR B 163 -1.32 16.64 -18.69
C TYR B 163 -2.33 17.34 -19.58
N TYR B 164 -3.09 16.57 -20.38
CA TYR B 164 -4.07 17.19 -21.26
C TYR B 164 -5.12 17.96 -20.47
N LEU B 165 -5.54 17.41 -19.33
CA LEU B 165 -6.55 18.07 -18.51
C LEU B 165 -6.07 19.41 -17.98
N ALA B 166 -4.76 19.65 -17.95
CA ALA B 166 -4.25 20.95 -17.55
C ALA B 166 -4.28 21.97 -18.68
N THR B 167 -4.41 21.51 -19.93
CA THR B 167 -4.46 22.42 -21.07
C THR B 167 -5.88 22.80 -21.48
N THR B 168 -6.89 22.15 -20.90
CA THR B 168 -8.27 22.51 -21.22
C THR B 168 -8.62 23.88 -20.65
N LEU B 169 -8.07 24.22 -19.49
CA LEU B 169 -8.28 25.53 -18.92
C LEU B 169 -7.61 26.60 -19.78
N PRO B 170 -8.16 27.82 -19.79
CA PRO B 170 -7.55 28.87 -20.59
C PRO B 170 -6.15 29.18 -20.09
N PRO B 171 -5.26 29.64 -20.97
CA PRO B 171 -3.87 29.92 -20.55
C PRO B 171 -3.78 30.97 -19.47
N GLU B 172 -4.67 31.95 -19.44
CA GLU B 172 -4.65 32.96 -18.39
C GLU B 172 -4.95 32.39 -17.02
N ASN B 173 -5.91 31.48 -16.92
CA ASN B 173 -6.27 30.84 -15.65
C ASN B 173 -5.57 29.49 -15.57
N GLU B 174 -4.23 29.54 -15.52
CA GLU B 174 -3.41 28.35 -15.53
C GLU B 174 -2.86 27.97 -14.17
N GLY B 175 -2.86 28.89 -13.22
CA GLY B 175 -2.31 28.61 -11.91
C GLY B 175 -3.23 27.72 -11.09
N TYR B 176 -4.37 27.34 -11.66
CA TYR B 176 -5.38 26.54 -10.99
C TYR B 176 -5.32 25.09 -11.43
N THR B 177 -4.23 24.67 -12.05
CA THR B 177 -4.06 23.31 -12.54
C THR B 177 -3.01 22.59 -11.70
N TRP B 178 -2.89 21.28 -11.93
CA TRP B 178 -1.87 20.50 -11.24
C TRP B 178 -0.48 20.98 -11.62
N ILE B 179 -0.26 21.28 -12.89
CA ILE B 179 0.97 21.90 -13.36
C ILE B 179 0.71 23.39 -13.50
N GLY B 180 1.77 24.17 -13.37
CA GLY B 180 1.66 25.61 -13.27
C GLY B 180 1.59 26.12 -11.86
N SER B 181 1.24 25.25 -10.90
CA SER B 181 1.36 25.56 -9.49
C SER B 181 2.52 24.84 -8.84
N LEU B 182 3.25 24.01 -9.58
CA LEU B 182 4.40 23.31 -9.04
C LEU B 182 5.54 24.30 -8.78
N LYS B 183 6.24 24.09 -7.68
CA LYS B 183 7.41 24.88 -7.32
C LYS B 183 8.51 23.97 -6.81
N LEU B 184 8.76 22.88 -7.54
CA LEU B 184 9.77 21.90 -7.16
C LEU B 184 11.17 22.51 -7.15
N GLY B 185 11.79 22.57 -5.98
CA GLY B 185 13.10 23.20 -5.86
C GLY B 185 13.02 24.67 -6.26
N ASP B 186 13.98 25.11 -7.07
CA ASP B 186 13.99 26.49 -7.56
C ASP B 186 13.20 26.66 -8.85
N TYR B 187 12.77 25.58 -9.49
CA TYR B 187 12.06 25.67 -10.76
C TYR B 187 10.57 25.79 -10.49
N SER B 188 9.97 26.89 -10.93
CA SER B 188 8.53 27.10 -10.87
C SER B 188 7.98 27.03 -12.29
N TYR B 189 6.92 26.24 -12.48
CA TYR B 189 6.32 26.06 -13.80
C TYR B 189 5.44 27.28 -14.09
N GLU B 190 6.12 28.40 -14.38
CA GLU B 190 5.40 29.64 -14.64
C GLU B 190 4.52 29.53 -15.88
N ASN B 191 5.12 29.27 -17.03
CA ASN B 191 4.40 29.04 -18.27
C ASN B 191 4.75 27.63 -18.74
N PHE B 192 3.86 26.68 -18.49
CA PHE B 192 4.15 25.28 -18.75
C PHE B 192 3.90 24.88 -20.20
N ARG B 193 3.44 25.78 -21.05
CA ARG B 193 3.29 25.47 -22.47
C ARG B 193 4.51 25.86 -23.29
N GLU B 194 5.52 26.50 -22.68
CA GLU B 194 6.75 26.85 -23.35
C GLU B 194 7.94 26.03 -22.86
N ILE B 195 7.71 25.06 -21.99
CA ILE B 195 8.77 24.19 -21.50
C ILE B 195 9.00 23.07 -22.50
N ASP B 196 10.17 22.44 -22.42
CA ASP B 196 10.49 21.35 -23.32
C ASP B 196 9.53 20.19 -23.12
N LEU B 197 9.28 19.45 -24.20
CA LEU B 197 8.32 18.36 -24.14
C LEU B 197 8.74 17.30 -23.14
N TRP B 198 10.03 17.00 -23.08
CA TRP B 198 10.50 15.92 -22.22
C TRP B 198 10.36 16.28 -20.75
N LYS B 199 10.54 17.55 -20.39
CA LYS B 199 10.36 17.95 -18.98
C LYS B 199 8.93 17.75 -18.54
N ARG B 200 7.96 18.24 -19.33
CA ARG B 200 6.55 18.07 -18.97
C ARG B 200 6.15 16.61 -18.96
N TYR B 201 6.61 15.84 -19.96
CA TYR B 201 6.27 14.43 -19.99
C TYR B 201 6.84 13.70 -18.79
N THR B 202 8.08 14.01 -18.40
CA THR B 202 8.69 13.35 -17.25
C THR B 202 7.99 13.72 -15.96
N THR B 203 7.58 14.98 -15.82
CA THR B 203 6.82 15.38 -14.63
C THR B 203 5.50 14.62 -14.53
N ALA B 204 4.76 14.58 -15.64
CA ALA B 204 3.47 13.88 -15.63
C ALA B 204 3.66 12.39 -15.37
N LEU B 205 4.67 11.78 -16.00
CA LEU B 205 4.93 10.37 -15.78
C LEU B 205 5.36 10.08 -14.36
N TYR B 206 6.15 10.99 -13.77
CA TYR B 206 6.54 10.82 -12.37
C TYR B 206 5.33 10.84 -11.46
N PHE B 207 4.42 11.79 -11.68
CA PHE B 207 3.21 11.84 -10.87
C PHE B 207 2.40 10.55 -11.03
N ALA B 208 2.20 10.11 -12.28
CA ALA B 208 1.39 8.93 -12.52
C ALA B 208 2.03 7.68 -11.93
N ILE B 209 3.36 7.58 -12.02
CA ILE B 209 4.06 6.39 -11.54
C ILE B 209 4.03 6.32 -10.03
N VAL B 210 4.28 7.45 -9.35
CA VAL B 210 4.20 7.41 -7.88
C VAL B 210 2.78 7.31 -7.37
N THR B 211 1.78 7.68 -8.18
CA THR B 211 0.40 7.39 -7.80
C THR B 211 0.06 5.91 -7.97
N MET B 212 0.63 5.21 -8.95
CA MET B 212 0.29 3.79 -9.21
C MET B 212 0.93 2.92 -8.16
N ALA B 213 2.14 3.24 -7.72
CA ALA B 213 2.86 2.38 -6.76
C ALA B 213 2.16 2.56 -5.43
N THR B 214 1.46 3.66 -5.23
CA THR B 214 0.70 4.04 -4.01
C THR B 214 1.66 4.73 -3.08
N VAL B 215 2.73 5.31 -3.59
CA VAL B 215 3.58 6.02 -2.63
C VAL B 215 2.79 7.29 -2.37
N GLY B 216 2.45 8.01 -3.39
CA GLY B 216 1.77 9.29 -3.23
C GLY B 216 2.57 10.15 -2.33
N TYR B 217 3.39 10.99 -2.88
CA TYR B 217 4.28 11.75 -2.00
C TYR B 217 3.46 12.96 -1.69
N GLY B 218 3.13 13.74 -2.69
CA GLY B 218 2.23 14.86 -2.44
C GLY B 218 2.81 16.13 -2.97
N ASP B 219 3.91 16.03 -3.70
CA ASP B 219 4.52 17.21 -4.33
C ASP B 219 3.70 17.57 -5.54
N ILE B 220 3.21 16.57 -6.27
CA ILE B 220 2.33 16.78 -7.42
C ILE B 220 0.98 16.15 -7.09
N HIS B 221 -0.07 16.97 -7.14
CA HIS B 221 -1.40 16.49 -6.80
C HIS B 221 -2.43 17.25 -7.64
N ALA B 222 -3.70 16.91 -7.44
CA ALA B 222 -4.79 17.48 -8.21
C ALA B 222 -5.30 18.76 -7.56
N VAL B 223 -5.63 19.74 -8.39
CA VAL B 223 -6.17 21.02 -7.96
C VAL B 223 -7.54 21.28 -8.59
N ASN B 224 -7.65 21.11 -9.90
CA ASN B 224 -8.90 21.29 -10.60
C ASN B 224 -9.93 20.26 -10.15
N LEU B 225 -11.19 20.54 -10.47
CA LEU B 225 -12.23 19.56 -10.20
C LEU B 225 -12.18 18.41 -11.20
N ARG B 226 -11.85 18.70 -12.46
CA ARG B 226 -11.67 17.64 -13.44
C ARG B 226 -10.48 16.75 -13.09
N GLU B 227 -9.38 17.35 -12.64
CA GLU B 227 -8.23 16.56 -12.20
C GLU B 227 -8.57 15.69 -11.00
N MET B 228 -9.39 16.20 -10.08
CA MET B 228 -9.81 15.38 -8.95
C MET B 228 -10.57 14.14 -9.40
N ILE B 229 -11.52 14.32 -10.32
CA ILE B 229 -12.31 13.19 -10.81
C ILE B 229 -11.41 12.20 -11.54
N PHE B 230 -10.49 12.69 -12.36
CA PHE B 230 -9.58 11.79 -13.05
C PHE B 230 -8.72 11.03 -12.07
N VAL B 231 -8.25 11.69 -11.01
CA VAL B 231 -7.43 11.01 -10.02
C VAL B 231 -8.22 9.92 -9.31
N MET B 232 -9.49 10.22 -8.95
CA MET B 232 -10.30 9.19 -8.31
C MET B 232 -10.51 7.99 -9.22
N ILE B 233 -10.81 8.23 -10.51
CA ILE B 233 -11.01 7.12 -11.43
C ILE B 233 -9.71 6.32 -11.59
N TYR B 234 -8.59 7.03 -11.75
CA TYR B 234 -7.30 6.37 -11.93
C TYR B 234 -6.95 5.50 -10.75
N VAL B 235 -7.10 6.03 -9.52
CA VAL B 235 -6.72 5.24 -8.35
C VAL B 235 -7.68 4.08 -8.14
N SER B 236 -8.97 4.27 -8.44
CA SER B 236 -9.93 3.18 -8.29
C SER B 236 -9.61 2.04 -9.25
N PHE B 237 -9.19 2.35 -10.48
CA PHE B 237 -8.82 1.32 -11.43
C PHE B 237 -7.46 0.70 -11.07
N ASP B 238 -6.53 1.54 -10.61
CA ASP B 238 -5.19 1.08 -10.27
C ASP B 238 -5.20 0.13 -9.08
N MET B 239 -6.10 0.35 -8.12
CA MET B 239 -6.19 -0.54 -6.97
C MET B 239 -6.54 -1.95 -7.41
N VAL B 240 -7.54 -2.08 -8.30
CA VAL B 240 -7.92 -3.39 -8.81
C VAL B 240 -6.79 -4.00 -9.62
N LEU B 241 -6.11 -3.19 -10.43
CA LEU B 241 -4.98 -3.72 -11.21
C LEU B 241 -3.90 -4.27 -10.30
N GLY B 242 -3.54 -3.52 -9.25
CA GLY B 242 -2.51 -3.99 -8.33
C GLY B 242 -2.93 -5.23 -7.56
N ALA B 243 -4.20 -5.28 -7.15
CA ALA B 243 -4.70 -6.48 -6.49
C ALA B 243 -4.64 -7.69 -7.42
N TYR B 244 -4.94 -7.48 -8.70
CA TYR B 244 -4.83 -8.57 -9.67
C TYR B 244 -3.39 -9.04 -9.83
N LEU B 245 -2.45 -8.08 -9.88
CA LEU B 245 -1.04 -8.46 -10.00
C LEU B 245 -0.58 -9.26 -8.79
N ILE B 246 -0.94 -8.80 -7.59
CA ILE B 246 -0.60 -9.54 -6.37
C ILE B 246 -1.22 -10.93 -6.39
N GLY B 247 -2.46 -11.02 -6.85
CA GLY B 247 -3.13 -12.32 -6.93
C GLY B 247 -2.42 -13.28 -7.86
N ASN B 248 -2.00 -12.80 -9.04
CA ASN B 248 -1.33 -13.69 -9.98
C ASN B 248 0.04 -14.12 -9.45
N ILE B 249 0.80 -13.20 -8.85
CA ILE B 249 2.08 -13.59 -8.28
C ILE B 249 1.88 -14.64 -7.19
N THR B 250 0.92 -14.40 -6.30
CA THR B 250 0.64 -15.36 -5.24
C THR B 250 0.20 -16.70 -5.81
N ALA B 251 -0.56 -16.67 -6.91
CA ALA B 251 -0.99 -17.91 -7.53
C ALA B 251 0.19 -18.71 -8.06
N LEU B 252 1.14 -18.06 -8.73
CA LEU B 252 2.28 -18.82 -9.25
C LEU B 252 3.09 -19.39 -8.10
N ILE B 253 3.30 -18.62 -7.03
CA ILE B 253 4.09 -19.15 -5.93
C ILE B 253 3.38 -20.30 -5.25
N VAL B 254 2.06 -20.19 -5.07
CA VAL B 254 1.31 -21.23 -4.36
C VAL B 254 1.27 -22.51 -5.17
N LYS B 255 0.95 -22.42 -6.46
CA LYS B 255 0.67 -23.60 -7.27
C LYS B 255 1.86 -24.01 -8.12
N GLY B 256 2.52 -23.06 -8.77
CA GLY B 256 3.64 -23.37 -9.65
C GLY B 256 4.87 -23.89 -8.91
N ILE C 1 -49.24 -13.72 -2.80
CA ILE C 1 -48.61 -13.34 -4.06
C ILE C 1 -47.55 -14.35 -4.45
N HIS C 2 -47.54 -14.73 -5.72
CA HIS C 2 -46.60 -15.74 -6.19
C HIS C 2 -45.21 -15.14 -6.29
N PRO C 3 -44.21 -15.73 -5.62
CA PRO C 3 -42.93 -15.03 -5.43
C PRO C 3 -42.21 -14.62 -6.70
N LYS C 4 -42.26 -15.44 -7.76
CA LYS C 4 -41.47 -15.21 -8.96
C LYS C 4 -42.22 -14.36 -9.98
N ASN C 5 -43.44 -13.93 -9.67
CA ASN C 5 -44.29 -13.23 -10.62
C ASN C 5 -43.64 -12.08 -11.37
N ARG C 6 -43.90 -12.01 -12.68
CA ARG C 6 -43.21 -11.04 -13.53
C ARG C 6 -43.40 -9.60 -13.05
N TRP C 7 -44.64 -9.23 -12.75
CA TRP C 7 -44.90 -7.92 -12.15
C TRP C 7 -44.21 -7.66 -10.81
N TYR C 8 -44.17 -8.66 -9.94
CA TYR C 8 -43.46 -8.50 -8.67
C TYR C 8 -41.97 -8.33 -8.90
N LYS C 9 -41.41 -8.99 -9.92
CA LYS C 9 -40.00 -8.81 -10.24
C LYS C 9 -39.72 -7.37 -10.71
N ALA C 10 -40.61 -6.82 -11.54
CA ALA C 10 -40.45 -5.43 -11.97
C ALA C 10 -40.56 -4.49 -10.78
N TRP C 11 -41.49 -4.76 -9.86
CA TRP C 11 -41.61 -3.96 -8.66
C TRP C 11 -40.33 -4.05 -7.82
N GLU C 12 -39.76 -5.26 -7.74
CA GLU C 12 -38.51 -5.44 -6.99
C GLU C 12 -37.38 -4.62 -7.61
N MET C 13 -37.28 -4.62 -8.94
CA MET C 13 -36.25 -3.82 -9.60
C MET C 13 -36.47 -2.33 -9.37
N PHE C 14 -37.73 -1.88 -9.44
CA PHE C 14 -38.04 -0.48 -9.21
C PHE C 14 -37.66 -0.07 -7.79
N ILE C 15 -38.01 -0.90 -6.80
CA ILE C 15 -37.66 -0.61 -5.42
C ILE C 15 -36.15 -0.70 -5.22
N LEU C 16 -35.46 -1.57 -5.97
CA LEU C 16 -34.01 -1.62 -5.89
C LEU C 16 -33.39 -0.31 -6.35
N VAL C 17 -33.88 0.23 -7.47
CA VAL C 17 -33.35 1.51 -7.95
C VAL C 17 -33.64 2.62 -6.95
N TRP C 18 -34.86 2.64 -6.40
CA TRP C 18 -35.18 3.65 -5.39
C TRP C 18 -34.31 3.51 -4.16
N ALA C 19 -34.03 2.27 -3.75
CA ALA C 19 -33.19 2.04 -2.58
C ALA C 19 -31.75 2.46 -2.83
N ILE C 20 -31.24 2.21 -4.03
CA ILE C 20 -29.90 2.69 -4.37
C ILE C 20 -29.84 4.21 -4.29
N TYR C 21 -30.85 4.87 -4.86
CA TYR C 21 -30.88 6.33 -4.80
C TYR C 21 -30.95 6.83 -3.35
N SER C 22 -31.80 6.21 -2.54
CA SER C 22 -31.96 6.65 -1.16
C SER C 22 -30.70 6.41 -0.35
N SER C 23 -30.04 5.27 -0.55
CA SER C 23 -28.80 4.98 0.16
C SER C 23 -27.68 5.92 -0.25
N LEU C 24 -27.63 6.30 -1.54
CA LEU C 24 -26.61 7.25 -1.97
C LEU C 24 -26.92 8.66 -1.55
N PHE C 25 -28.20 8.99 -1.30
CA PHE C 25 -28.58 10.35 -1.00
C PHE C 25 -28.69 10.66 0.49
N THR C 26 -29.00 9.66 1.33
CA THR C 26 -29.20 9.93 2.75
C THR C 26 -27.95 10.45 3.45
N PRO C 27 -26.75 9.86 3.27
CA PRO C 27 -25.56 10.51 3.82
C PRO C 27 -25.34 11.91 3.30
N MET C 28 -25.59 12.15 2.02
CA MET C 28 -25.54 13.50 1.48
C MET C 28 -26.57 14.39 2.16
N GLU C 29 -27.78 13.87 2.33
CA GLU C 29 -28.84 14.58 3.04
C GLU C 29 -28.38 15.04 4.41
N PHE C 30 -27.78 14.13 5.17
CA PHE C 30 -27.44 14.42 6.55
C PHE C 30 -26.24 15.35 6.65
N GLY C 31 -25.22 15.11 5.82
CA GLY C 31 -23.98 15.85 5.93
C GLY C 31 -24.01 17.21 5.28
N PHE C 32 -24.39 17.29 4.01
CA PHE C 32 -24.23 18.52 3.27
C PHE C 32 -25.40 19.49 3.45
N PHE C 33 -26.43 19.11 4.19
CA PHE C 33 -27.65 19.91 4.27
C PHE C 33 -28.12 19.91 5.71
N ARG C 34 -28.09 21.08 6.36
CA ARG C 34 -28.72 21.25 7.67
C ARG C 34 -30.18 21.65 7.42
N GLY C 35 -30.94 20.67 6.94
CA GLY C 35 -32.28 20.91 6.48
C GLY C 35 -32.38 20.97 4.97
N LEU C 36 -33.34 20.25 4.41
CA LEU C 36 -33.50 20.22 2.97
C LEU C 36 -33.84 21.62 2.43
N PRO C 37 -33.39 21.94 1.22
CA PRO C 37 -33.94 23.11 0.53
C PRO C 37 -35.26 22.76 -0.13
N GLU C 38 -35.98 23.82 -0.51
CA GLU C 38 -37.39 23.65 -0.87
C GLU C 38 -37.56 22.79 -2.13
N ARG C 39 -36.63 22.90 -3.08
CA ARG C 39 -36.83 22.32 -4.41
C ARG C 39 -37.04 20.82 -4.34
N LEU C 40 -36.26 20.12 -3.52
CA LEU C 40 -36.39 18.67 -3.49
C LEU C 40 -37.56 18.17 -2.66
N PHE C 41 -38.35 19.09 -2.07
CA PHE C 41 -39.43 18.68 -1.17
C PHE C 41 -40.23 17.52 -1.74
N VAL C 42 -40.92 17.75 -2.86
CA VAL C 42 -41.79 16.73 -3.41
C VAL C 42 -41.02 15.45 -3.70
N LEU C 43 -39.78 15.58 -4.20
CA LEU C 43 -38.95 14.40 -4.44
C LEU C 43 -38.87 13.54 -3.20
N ASP C 44 -38.48 14.16 -2.06
CA ASP C 44 -38.43 13.42 -0.82
C ASP C 44 -39.76 12.72 -0.57
N ILE C 45 -40.85 13.46 -0.65
CA ILE C 45 -42.17 12.89 -0.38
C ILE C 45 -42.39 11.67 -1.27
N VAL C 46 -42.08 11.80 -2.57
CA VAL C 46 -42.32 10.70 -3.49
C VAL C 46 -41.60 9.46 -2.99
N GLY C 47 -40.32 9.58 -2.67
CA GLY C 47 -39.58 8.43 -2.20
C GLY C 47 -40.28 7.77 -1.04
N GLN C 48 -40.68 8.57 -0.05
CA GLN C 48 -41.34 8.01 1.12
C GLN C 48 -42.55 7.19 0.70
N ILE C 49 -43.44 7.80 -0.10
CA ILE C 49 -44.68 7.09 -0.42
C ILE C 49 -44.36 5.83 -1.20
N ALA C 50 -43.33 5.90 -2.06
CA ALA C 50 -42.94 4.70 -2.80
C ALA C 50 -42.60 3.59 -1.83
N PHE C 51 -41.74 3.86 -0.85
CA PHE C 51 -41.39 2.82 0.10
C PHE C 51 -42.60 2.43 0.93
N LEU C 52 -43.49 3.38 1.24
CA LEU C 52 -44.74 3.02 1.89
C LEU C 52 -45.46 1.95 1.09
N VAL C 53 -45.61 2.16 -0.22
CA VAL C 53 -46.26 1.16 -1.04
C VAL C 53 -45.55 -0.17 -0.92
N ASP C 54 -44.21 -0.14 -0.94
CA ASP C 54 -43.44 -1.37 -0.78
C ASP C 54 -43.83 -2.09 0.50
N ILE C 55 -43.91 -1.35 1.61
CA ILE C 55 -44.31 -1.96 2.87
C ILE C 55 -45.69 -2.59 2.72
N VAL C 56 -46.61 -1.85 2.09
CA VAL C 56 -47.96 -2.38 1.88
C VAL C 56 -47.89 -3.66 1.07
N LEU C 57 -47.01 -3.70 0.07
CA LEU C 57 -46.87 -4.92 -0.71
C LEU C 57 -46.09 -6.00 0.03
N GLN C 58 -45.17 -5.59 0.91
CA GLN C 58 -44.30 -6.57 1.57
C GLN C 58 -45.11 -7.50 2.47
N PHE C 59 -46.29 -7.04 2.91
CA PHE C 59 -47.15 -7.87 3.73
C PHE C 59 -47.79 -8.97 2.89
N PHE C 60 -48.08 -8.71 1.62
CA PHE C 60 -48.89 -9.62 0.82
C PHE C 60 -48.10 -10.83 0.35
N VAL C 61 -46.80 -10.64 0.07
CA VAL C 61 -46.03 -11.70 -0.59
C VAL C 61 -45.73 -12.84 0.37
N ALA C 62 -45.84 -14.06 -0.12
CA ALA C 62 -45.50 -15.25 0.66
C ALA C 62 -43.99 -15.37 0.83
N TYR C 63 -43.58 -16.14 1.83
CA TYR C 63 -42.17 -16.29 2.17
C TYR C 63 -41.75 -17.74 2.03
N ARG C 64 -40.48 -17.94 1.64
CA ARG C 64 -39.91 -19.27 1.58
C ARG C 64 -39.50 -19.74 2.98
N ASP C 65 -39.78 -21.00 3.27
CA ASP C 65 -39.43 -21.62 4.54
C ASP C 65 -38.02 -22.20 4.40
N THR C 66 -37.08 -21.67 5.19
CA THR C 66 -35.68 -22.03 5.00
C THR C 66 -35.40 -23.46 5.46
N GLN C 67 -35.87 -23.85 6.64
CA GLN C 67 -35.52 -25.15 7.19
C GLN C 67 -36.09 -26.28 6.34
N THR C 68 -37.33 -26.14 5.89
CA THR C 68 -37.97 -27.10 4.99
C THR C 68 -38.49 -26.34 3.77
N TYR C 69 -38.02 -26.72 2.59
CA TYR C 69 -38.28 -25.95 1.37
C TYR C 69 -39.72 -26.17 0.91
N ARG C 70 -40.65 -25.59 1.68
CA ARG C 70 -42.06 -25.56 1.33
C ARG C 70 -42.55 -24.13 1.35
N THR C 71 -43.21 -23.71 0.26
CA THR C 71 -43.75 -22.36 0.20
C THR C 71 -45.09 -22.30 0.90
N VAL C 72 -45.24 -21.32 1.79
CA VAL C 72 -46.45 -21.13 2.58
C VAL C 72 -47.05 -19.77 2.24
N TYR C 73 -48.35 -19.75 1.97
CA TYR C 73 -49.04 -18.54 1.54
C TYR C 73 -50.01 -18.01 2.59
N LYS C 74 -50.00 -18.54 3.80
CA LYS C 74 -50.96 -18.12 4.81
C LYS C 74 -50.63 -16.69 5.26
N PRO C 75 -51.62 -15.78 5.24
CA PRO C 75 -51.33 -14.38 5.59
C PRO C 75 -50.80 -14.21 7.01
N THR C 76 -51.25 -15.03 7.96
CA THR C 76 -50.80 -14.87 9.34
C THR C 76 -49.30 -15.13 9.47
N ARG C 77 -48.80 -16.16 8.78
CA ARG C 77 -47.38 -16.49 8.88
C ARG C 77 -46.51 -15.38 8.31
N ILE C 78 -46.85 -14.88 7.11
CA ILE C 78 -46.07 -13.82 6.50
C ILE C 78 -46.17 -12.53 7.32
N ALA C 79 -47.36 -12.26 7.87
CA ALA C 79 -47.53 -11.07 8.70
C ALA C 79 -46.65 -11.14 9.94
N PHE C 80 -46.65 -12.28 10.62
CA PHE C 80 -45.82 -12.42 11.81
C PHE C 80 -44.34 -12.36 11.47
N ARG C 81 -43.94 -12.98 10.36
CA ARG C 81 -42.53 -12.95 9.97
C ARG C 81 -42.07 -11.54 9.66
N TYR C 82 -42.87 -10.77 8.93
CA TYR C 82 -42.52 -9.38 8.66
C TYR C 82 -42.52 -8.55 9.93
N LEU C 83 -43.48 -8.79 10.83
CA LEU C 83 -43.51 -8.10 12.11
C LEU C 83 -42.21 -8.33 12.87
N LYS C 84 -41.73 -9.57 12.89
CA LYS C 84 -40.53 -9.90 13.64
C LYS C 84 -39.26 -9.34 12.99
N SER C 85 -39.13 -9.51 11.67
CA SER C 85 -37.83 -9.30 11.03
C SER C 85 -37.61 -7.83 10.67
N HIS C 86 -38.39 -7.29 9.73
CA HIS C 86 -38.06 -6.04 9.06
C HIS C 86 -39.27 -5.12 8.95
N PHE C 87 -39.99 -4.92 10.05
CA PHE C 87 -41.14 -4.03 10.03
C PHE C 87 -40.83 -2.71 10.73
N LEU C 88 -40.43 -2.75 12.00
CA LEU C 88 -40.36 -1.53 12.80
C LEU C 88 -39.33 -0.56 12.25
N MET C 89 -38.20 -1.07 11.76
CA MET C 89 -37.14 -0.18 11.29
C MET C 89 -37.54 0.51 9.99
N ASP C 90 -38.15 -0.23 9.07
CA ASP C 90 -38.60 0.38 7.82
C ASP C 90 -39.64 1.48 8.00
N PHE C 91 -40.62 1.26 8.88
CA PHE C 91 -41.62 2.28 9.15
C PHE C 91 -41.04 3.50 9.85
N ILE C 92 -40.18 3.27 10.86
CA ILE C 92 -39.63 4.39 11.60
C ILE C 92 -38.73 5.17 10.64
N GLY C 93 -38.12 4.50 9.67
CA GLY C 93 -37.33 5.20 8.69
C GLY C 93 -38.13 5.89 7.61
N CYS C 94 -39.34 5.41 7.35
CA CYS C 94 -40.17 6.01 6.30
C CYS C 94 -40.95 7.22 6.80
N PHE C 95 -40.82 7.58 8.06
CA PHE C 95 -41.42 8.82 8.54
C PHE C 95 -40.79 10.01 7.82
N PRO C 96 -41.52 11.10 7.65
CA PRO C 96 -40.90 12.31 7.12
C PRO C 96 -39.99 12.96 8.15
N TRP C 97 -38.67 12.80 7.98
CA TRP C 97 -37.70 13.25 8.96
C TRP C 97 -37.14 14.63 8.64
N ASP C 98 -37.63 15.29 7.60
CA ASP C 98 -37.20 16.63 7.27
C ASP C 98 -38.15 17.71 7.78
N LEU C 99 -39.45 17.60 7.46
CA LEU C 99 -40.42 18.55 8.00
C LEU C 99 -40.49 18.46 9.52
N ILE C 100 -40.30 17.27 10.08
CA ILE C 100 -40.25 17.12 11.53
C ILE C 100 -39.09 17.95 12.10
N TYR C 101 -37.93 17.88 11.45
CA TYR C 101 -36.76 18.62 11.91
C TYR C 101 -37.01 20.12 11.87
N LYS C 102 -37.59 20.61 10.78
CA LYS C 102 -37.83 22.05 10.65
C LYS C 102 -38.89 22.53 11.63
N ALA C 103 -39.96 21.75 11.81
CA ALA C 103 -41.05 22.19 12.67
C ALA C 103 -40.66 22.13 14.14
N SER C 104 -39.98 21.07 14.56
CA SER C 104 -39.71 20.83 15.97
C SER C 104 -38.40 21.51 16.42
N GLY C 105 -38.39 22.84 16.30
CA GLY C 105 -37.32 23.64 16.88
C GLY C 105 -35.93 23.41 16.34
N LYS C 106 -35.80 22.74 15.19
CA LYS C 106 -34.51 22.52 14.55
C LYS C 106 -33.53 21.80 15.47
N HIS C 107 -34.03 20.83 16.23
CA HIS C 107 -33.18 20.03 17.10
C HIS C 107 -32.35 19.06 16.26
N GLU C 108 -31.12 18.78 16.72
CA GLU C 108 -30.17 18.06 15.88
C GLU C 108 -30.35 16.55 15.97
N LEU C 109 -30.84 16.05 17.11
CA LEU C 109 -30.91 14.61 17.32
C LEU C 109 -31.91 13.96 16.37
N VAL C 110 -33.02 14.63 16.10
CA VAL C 110 -34.00 14.07 15.17
C VAL C 110 -33.42 13.97 13.77
N ARG C 111 -32.55 14.92 13.40
CA ARG C 111 -31.88 14.81 12.11
C ARG C 111 -30.81 13.71 12.15
N TYR C 112 -30.19 13.49 13.32
CA TYR C 112 -29.29 12.36 13.48
C TYR C 112 -30.04 11.06 13.21
N LEU C 113 -31.32 11.06 13.56
CA LEU C 113 -32.16 9.88 13.32
C LEU C 113 -32.33 9.57 11.85
N LEU C 114 -31.96 10.49 10.95
CA LEU C 114 -32.12 10.27 9.52
C LEU C 114 -31.25 9.13 9.00
N TRP C 115 -30.26 8.70 9.78
CA TRP C 115 -29.40 7.60 9.37
C TRP C 115 -30.11 6.25 9.37
N ILE C 116 -31.34 6.20 9.89
CA ILE C 116 -32.08 4.95 9.92
C ILE C 116 -32.37 4.46 8.51
N ARG C 117 -32.49 5.38 7.55
CA ARG C 117 -32.82 5.04 6.17
C ARG C 117 -31.74 4.23 5.46
N LEU C 118 -30.54 4.11 6.03
CA LEU C 118 -29.51 3.30 5.40
C LEU C 118 -29.84 1.81 5.37
N PHE C 119 -30.87 1.36 6.10
CA PHE C 119 -31.20 -0.06 6.05
C PHE C 119 -31.84 -0.46 4.73
N ARG C 120 -32.08 0.50 3.84
CA ARG C 120 -32.53 0.18 2.49
C ARG C 120 -31.44 -0.49 1.66
N VAL C 121 -30.18 -0.44 2.08
CA VAL C 121 -29.13 -1.19 1.41
C VAL C 121 -29.33 -2.69 1.54
N ARG C 122 -30.22 -3.12 2.44
CA ARG C 122 -30.57 -4.54 2.50
C ARG C 122 -31.15 -5.02 1.17
N LYS C 123 -31.77 -4.12 0.41
CA LYS C 123 -32.29 -4.49 -0.90
C LYS C 123 -31.16 -4.84 -1.85
N VAL C 124 -30.10 -4.02 -1.88
CA VAL C 124 -28.95 -4.32 -2.72
C VAL C 124 -28.24 -5.58 -2.21
N VAL C 125 -28.20 -5.77 -0.90
CA VAL C 125 -27.58 -6.98 -0.34
C VAL C 125 -28.33 -8.22 -0.81
N GLU C 126 -29.66 -8.20 -0.73
CA GLU C 126 -30.44 -9.33 -1.22
C GLU C 126 -30.30 -9.50 -2.72
N PHE C 127 -30.17 -8.41 -3.46
CA PHE C 127 -29.97 -8.51 -4.91
C PHE C 127 -28.65 -9.22 -5.22
N PHE C 128 -27.59 -8.86 -4.50
CA PHE C 128 -26.32 -9.56 -4.69
C PHE C 128 -26.41 -11.01 -4.24
N GLN C 129 -27.21 -11.30 -3.20
CA GLN C 129 -27.42 -12.69 -2.80
C GLN C 129 -28.11 -13.49 -3.90
N ARG C 130 -29.14 -12.91 -4.52
CA ARG C 130 -29.80 -13.58 -5.63
C ARG C 130 -28.85 -13.79 -6.80
N LEU C 131 -28.02 -12.78 -7.08
CA LEU C 131 -27.04 -12.92 -8.17
C LEU C 131 -26.05 -14.04 -7.86
N GLU C 132 -25.64 -14.16 -6.60
CA GLU C 132 -24.79 -15.29 -6.19
C GLU C 132 -25.51 -16.62 -6.39
N LYS C 133 -26.80 -16.67 -6.04
CA LYS C 133 -27.57 -17.89 -6.25
C LYS C 133 -27.67 -18.26 -7.72
N ASP C 134 -27.70 -17.25 -8.60
CA ASP C 134 -27.79 -17.51 -10.03
C ASP C 134 -26.51 -18.17 -10.52
N THR C 135 -26.67 -19.14 -11.43
CA THR C 135 -25.55 -19.92 -11.93
C THR C 135 -24.85 -19.28 -13.11
N ARG C 136 -25.39 -18.18 -13.66
CA ARG C 136 -24.75 -17.54 -14.81
C ARG C 136 -23.46 -16.84 -14.41
N ILE C 137 -23.32 -16.47 -13.14
CA ILE C 137 -22.18 -15.71 -12.65
C ILE C 137 -21.43 -16.52 -11.61
N ASN C 138 -20.11 -16.47 -11.67
CA ASN C 138 -19.27 -17.17 -10.70
C ASN C 138 -19.47 -16.60 -9.30
N TYR C 139 -19.39 -17.47 -8.29
CA TYR C 139 -19.68 -17.06 -6.92
C TYR C 139 -18.65 -16.05 -6.42
N LEU C 140 -17.37 -16.30 -6.66
CA LEU C 140 -16.34 -15.41 -6.14
C LEU C 140 -16.32 -14.06 -6.86
N PHE C 141 -16.64 -14.06 -8.16
CA PHE C 141 -16.78 -12.79 -8.86
C PHE C 141 -17.94 -11.97 -8.28
N THR C 142 -19.04 -12.63 -7.93
CA THR C 142 -20.14 -11.94 -7.27
C THR C 142 -19.71 -11.38 -5.93
N ARG C 143 -18.95 -12.18 -5.16
CA ARG C 143 -18.46 -11.70 -3.87
C ARG C 143 -17.56 -10.48 -4.03
N ILE C 144 -16.69 -10.50 -5.05
CA ILE C 144 -15.78 -9.38 -5.26
C ILE C 144 -16.52 -8.14 -5.72
N LEU C 145 -17.53 -8.31 -6.59
CA LEU C 145 -18.34 -7.16 -6.98
C LEU C 145 -19.06 -6.58 -5.78
N LYS C 146 -19.59 -7.43 -4.91
CA LYS C 146 -20.23 -6.95 -3.69
C LYS C 146 -19.25 -6.20 -2.80
N LEU C 147 -18.03 -6.73 -2.68
CA LEU C 147 -16.99 -6.08 -1.88
C LEU C 147 -16.61 -4.71 -2.45
N LEU C 148 -16.51 -4.63 -3.78
CA LEU C 148 -16.19 -3.35 -4.40
C LEU C 148 -17.30 -2.34 -4.20
N PHE C 149 -18.56 -2.78 -4.31
CA PHE C 149 -19.68 -1.89 -4.03
C PHE C 149 -19.65 -1.44 -2.57
N VAL C 150 -19.35 -2.34 -1.66
CA VAL C 150 -19.28 -2.00 -0.24
C VAL C 150 -18.18 -0.98 0.01
N GLU C 151 -17.02 -1.17 -0.62
CA GLU C 151 -15.93 -0.21 -0.47
C GLU C 151 -16.32 1.16 -0.99
N VAL C 152 -16.94 1.21 -2.18
CA VAL C 152 -17.32 2.49 -2.75
C VAL C 152 -18.37 3.19 -1.90
N TYR C 153 -19.37 2.43 -1.41
CA TYR C 153 -20.40 3.04 -0.59
C TYR C 153 -19.85 3.50 0.75
N CYS C 154 -18.96 2.73 1.36
CA CYS C 154 -18.34 3.14 2.61
C CYS C 154 -17.48 4.38 2.41
N THR C 155 -16.79 4.47 1.27
CA THR C 155 -16.02 5.67 0.95
C THR C 155 -16.94 6.88 0.81
N HIS C 156 -18.07 6.71 0.13
CA HIS C 156 -19.01 7.82 -0.03
C HIS C 156 -19.59 8.28 1.31
N THR C 157 -19.98 7.32 2.15
CA THR C 157 -20.52 7.66 3.46
C THR C 157 -19.45 8.30 4.34
N ALA C 158 -18.21 7.82 4.25
CA ALA C 158 -17.11 8.41 5.02
C ALA C 158 -16.85 9.83 4.57
N ALA C 159 -16.92 10.08 3.27
CA ALA C 159 -16.77 11.46 2.78
C ALA C 159 -17.87 12.36 3.32
N CYS C 160 -19.11 11.88 3.33
CA CYS C 160 -20.21 12.66 3.88
C CYS C 160 -19.99 12.97 5.36
N ILE C 161 -19.59 11.95 6.13
CA ILE C 161 -19.36 12.16 7.56
C ILE C 161 -18.18 13.09 7.79
N PHE C 162 -17.13 12.97 6.97
CA PHE C 162 -15.96 13.82 7.12
C PHE C 162 -16.30 15.27 6.85
N TYR C 163 -17.15 15.53 5.85
CA TYR C 163 -17.59 16.91 5.67
C TYR C 163 -18.46 17.36 6.83
N TYR C 164 -19.32 16.47 7.34
CA TYR C 164 -20.19 16.87 8.44
C TYR C 164 -19.38 17.26 9.66
N LEU C 165 -18.29 16.54 9.94
CA LEU C 165 -17.46 16.85 11.09
C LEU C 165 -16.81 18.23 11.00
N ALA C 166 -16.77 18.81 9.80
CA ALA C 166 -16.28 20.18 9.66
C ALA C 166 -17.33 21.21 10.01
N THR C 167 -18.62 20.88 9.89
CA THR C 167 -19.68 21.82 10.21
C THR C 167 -20.05 21.80 11.69
N THR C 168 -19.55 20.84 12.46
CA THR C 168 -19.83 20.82 13.90
C THR C 168 -19.22 22.04 14.58
N LEU C 169 -18.02 22.43 14.20
CA LEU C 169 -17.38 23.58 14.79
C LEU C 169 -18.15 24.86 14.44
N PRO C 170 -18.11 25.86 15.30
CA PRO C 170 -18.81 27.11 15.01
C PRO C 170 -18.25 27.76 13.76
N PRO C 171 -19.07 28.52 13.03
CA PRO C 171 -18.60 29.10 11.77
C PRO C 171 -17.42 30.05 11.94
N GLU C 172 -17.31 30.75 13.06
CA GLU C 172 -16.18 31.65 13.26
C GLU C 172 -14.88 30.89 13.46
N ASN C 173 -14.90 29.74 14.12
CA ASN C 173 -13.72 28.92 14.33
C ASN C 173 -13.70 27.81 13.27
N GLU C 174 -13.59 28.23 12.01
CA GLU C 174 -13.66 27.31 10.88
C GLU C 174 -12.31 26.99 10.27
N GLY C 175 -11.29 27.79 10.53
CA GLY C 175 -9.99 27.54 9.95
C GLY C 175 -9.27 26.39 10.61
N TYR C 176 -9.91 25.79 11.60
CA TYR C 176 -9.35 24.71 12.38
C TYR C 176 -9.90 23.35 11.94
N THR C 177 -10.54 23.32 10.77
CA THR C 177 -11.11 22.10 10.22
C THR C 177 -10.28 21.63 9.03
N TRP C 178 -10.60 20.42 8.55
CA TRP C 178 -9.93 19.91 7.35
C TRP C 178 -10.23 20.78 6.14
N ILE C 179 -11.47 21.23 6.02
CA ILE C 179 -11.86 22.19 5.00
C ILE C 179 -11.91 23.56 5.65
N GLY C 180 -11.71 24.59 4.85
CA GLY C 180 -11.51 25.93 5.35
C GLY C 180 -10.07 26.30 5.57
N SER C 181 -9.18 25.31 5.67
CA SER C 181 -7.75 25.53 5.66
C SER C 181 -7.12 25.11 4.34
N LEU C 182 -7.91 24.56 3.41
CA LEU C 182 -7.38 24.17 2.12
C LEU C 182 -7.00 25.39 1.30
N LYS C 183 -5.89 25.29 0.57
CA LYS C 183 -5.42 26.32 -0.33
C LYS C 183 -4.95 25.70 -1.64
N LEU C 184 -5.77 24.80 -2.18
CA LEU C 184 -5.43 24.08 -3.40
C LEU C 184 -5.30 25.05 -4.58
N GLY C 185 -4.08 25.18 -5.11
CA GLY C 185 -3.84 26.12 -6.18
C GLY C 185 -4.14 27.54 -5.73
N ASP C 186 -4.88 28.28 -6.56
CA ASP C 186 -5.26 29.65 -6.24
C ASP C 186 -6.57 29.74 -5.46
N TYR C 187 -7.31 28.64 -5.35
CA TYR C 187 -8.59 28.66 -4.66
C TYR C 187 -8.40 28.32 -3.19
N SER C 188 -8.81 29.23 -2.31
CA SER C 188 -8.79 29.01 -0.87
C SER C 188 -10.24 28.90 -0.39
N TYR C 189 -10.51 27.90 0.44
CA TYR C 189 -11.85 27.65 0.96
C TYR C 189 -12.10 28.60 2.12
N GLU C 190 -12.28 29.89 1.78
CA GLU C 190 -12.48 30.90 2.81
C GLU C 190 -13.75 30.65 3.60
N ASN C 191 -14.89 30.64 2.92
CA ASN C 191 -16.18 30.32 3.54
C ASN C 191 -16.73 29.08 2.84
N PHE C 192 -16.51 27.92 3.43
CA PHE C 192 -16.86 26.66 2.79
C PHE C 192 -18.35 26.32 2.87
N ARG C 193 -19.14 27.12 3.58
CA ARG C 193 -20.58 26.92 3.61
C ARG C 193 -21.31 27.71 2.53
N GLU C 194 -20.60 28.52 1.75
CA GLU C 194 -21.19 29.28 0.66
C GLU C 194 -20.81 28.73 -0.70
N ILE C 195 -19.98 27.70 -0.76
CA ILE C 195 -19.55 27.13 -2.02
C ILE C 195 -20.63 26.19 -2.53
N ASP C 196 -20.55 25.87 -3.82
CA ASP C 196 -21.53 24.98 -4.43
C ASP C 196 -21.44 23.59 -3.80
N LEU C 197 -22.58 22.89 -3.79
CA LEU C 197 -22.63 21.58 -3.16
C LEU C 197 -21.69 20.61 -3.86
N TRP C 198 -21.62 20.67 -5.18
CA TRP C 198 -20.82 19.70 -5.92
C TRP C 198 -19.33 19.87 -5.67
N LYS C 199 -18.86 21.11 -5.50
CA LYS C 199 -17.45 21.32 -5.20
C LYS C 199 -17.06 20.72 -3.86
N ARG C 200 -17.85 20.99 -2.82
CA ARG C 200 -17.55 20.43 -1.50
C ARG C 200 -17.66 18.91 -1.51
N TYR C 201 -18.68 18.37 -2.18
CA TYR C 201 -18.82 16.92 -2.26
C TYR C 201 -17.64 16.30 -2.98
N THR C 202 -17.20 16.91 -4.09
CA THR C 202 -16.07 16.37 -4.83
C THR C 202 -14.79 16.44 -4.03
N THR C 203 -14.57 17.52 -3.28
CA THR C 203 -13.38 17.61 -2.44
C THR C 203 -13.39 16.51 -1.37
N ALA C 204 -14.52 16.34 -0.68
CA ALA C 204 -14.60 15.33 0.36
C ALA C 204 -14.43 13.93 -0.23
N LEU C 205 -15.06 13.68 -1.38
CA LEU C 205 -14.93 12.36 -2.01
C LEU C 205 -13.50 12.12 -2.49
N TYR C 206 -12.82 13.16 -2.97
CA TYR C 206 -11.44 13.02 -3.37
C TYR C 206 -10.56 12.64 -2.19
N PHE C 207 -10.76 13.30 -1.05
CA PHE C 207 -10.00 12.95 0.13
C PHE C 207 -10.27 11.50 0.54
N ALA C 208 -11.54 11.12 0.59
CA ALA C 208 -11.90 9.78 1.02
C ALA C 208 -11.36 8.73 0.06
N ILE C 209 -11.41 9.01 -1.24
CA ILE C 209 -10.97 8.03 -2.24
C ILE C 209 -9.46 7.85 -2.20
N VAL C 210 -8.70 8.94 -2.08
CA VAL C 210 -7.25 8.79 -2.00
C VAL C 210 -6.80 8.26 -0.65
N THR C 211 -7.61 8.39 0.40
CA THR C 211 -7.30 7.70 1.64
C THR C 211 -7.57 6.20 1.54
N MET C 212 -8.57 5.77 0.77
CA MET C 212 -8.93 4.34 0.68
C MET C 212 -7.93 3.61 -0.18
N ALA C 213 -7.43 4.23 -1.25
CA ALA C 213 -6.51 3.55 -2.17
C ALA C 213 -5.19 3.43 -1.44
N THR C 214 -4.94 4.28 -0.45
CA THR C 214 -3.73 4.35 0.39
C THR C 214 -2.72 5.22 -0.32
N VAL C 215 -3.15 6.10 -1.20
CA VAL C 215 -2.13 6.95 -1.81
C VAL C 215 -1.82 7.93 -0.69
N GLY C 216 -2.80 8.60 -0.18
CA GLY C 216 -2.57 9.62 0.84
C GLY C 216 -1.59 10.60 0.31
N TYR C 217 -2.06 11.67 -0.25
CA TYR C 217 -1.11 12.58 -0.88
C TYR C 217 -0.75 13.50 0.24
N GLY C 218 -1.71 14.22 0.76
CA GLY C 218 -1.41 15.02 1.95
C GLY C 218 -1.83 16.42 1.73
N ASP C 219 -2.53 16.69 0.64
CA ASP C 219 -3.07 18.02 0.36
C ASP C 219 -4.28 18.23 1.24
N ILE C 220 -5.06 17.16 1.46
CA ILE C 220 -6.22 17.23 2.35
C ILE C 220 -5.98 16.23 3.49
N HIS C 221 -5.96 16.73 4.71
CA HIS C 221 -5.73 15.88 5.87
C HIS C 221 -6.57 16.38 7.03
N ALA C 222 -6.44 15.70 8.17
CA ALA C 222 -7.21 16.01 9.36
C ALA C 222 -6.49 17.06 10.21
N VAL C 223 -7.26 17.97 10.79
CA VAL C 223 -6.77 19.01 11.68
C VAL C 223 -7.41 18.94 13.05
N ASN C 224 -8.74 18.83 13.09
CA ASN C 224 -9.46 18.72 14.34
C ASN C 224 -9.13 17.41 15.05
N LEU C 225 -9.46 17.36 16.33
CA LEU C 225 -9.27 16.12 17.07
C LEU C 225 -10.35 15.10 16.71
N ARG C 226 -11.57 15.55 16.44
CA ARG C 226 -12.62 14.65 15.96
C ARG C 226 -12.28 14.09 14.59
N GLU C 227 -11.75 14.92 13.69
CA GLU C 227 -11.33 14.45 12.39
C GLU C 227 -10.20 13.43 12.48
N MET C 228 -9.27 13.63 13.43
CA MET C 228 -8.21 12.65 13.61
C MET C 228 -8.77 11.29 14.01
N ILE C 229 -9.70 11.27 14.96
CA ILE C 229 -10.29 10.01 15.40
C ILE C 229 -11.06 9.36 14.26
N PHE C 230 -11.81 10.15 13.50
CA PHE C 230 -12.54 9.59 12.38
C PHE C 230 -11.60 9.01 11.33
N VAL C 231 -10.48 9.69 11.07
CA VAL C 231 -9.51 9.18 10.11
C VAL C 231 -8.90 7.88 10.59
N MET C 232 -8.57 7.79 11.88
CA MET C 232 -8.02 6.54 12.41
C MET C 232 -9.02 5.40 12.25
N ILE C 233 -10.29 5.64 12.59
CA ILE C 233 -11.30 4.59 12.46
C ILE C 233 -11.47 4.19 11.01
N TYR C 234 -11.54 5.19 10.12
CA TYR C 234 -11.71 4.94 8.69
C TYR C 234 -10.57 4.07 8.16
N VAL C 235 -9.33 4.46 8.43
CA VAL C 235 -8.20 3.71 7.86
C VAL C 235 -8.11 2.32 8.49
N SER C 236 -8.43 2.19 9.78
CA SER C 236 -8.38 0.88 10.41
C SER C 236 -9.40 -0.07 9.79
N PHE C 237 -10.59 0.43 9.47
CA PHE C 237 -11.59 -0.40 8.81
C PHE C 237 -11.25 -0.65 7.34
N ASP C 238 -10.68 0.35 6.69
CA ASP C 238 -10.35 0.25 5.27
C ASP C 238 -9.23 -0.74 5.04
N MET C 239 -8.28 -0.85 5.97
CA MET C 239 -7.19 -1.81 5.81
C MET C 239 -7.75 -3.23 5.77
N VAL C 240 -8.66 -3.55 6.68
CA VAL C 240 -9.27 -4.87 6.68
C VAL C 240 -10.10 -5.09 5.42
N LEU C 241 -10.84 -4.08 5.00
CA LEU C 241 -11.62 -4.22 3.77
C LEU C 241 -10.73 -4.51 2.56
N GLY C 242 -9.63 -3.78 2.43
CA GLY C 242 -8.73 -3.99 1.31
C GLY C 242 -8.04 -5.33 1.36
N ALA C 243 -7.64 -5.77 2.56
CA ALA C 243 -7.06 -7.09 2.70
C ALA C 243 -8.06 -8.18 2.32
N TYR C 244 -9.33 -8.00 2.69
CA TYR C 244 -10.37 -8.95 2.29
C TYR C 244 -10.54 -8.98 0.78
N LEU C 245 -10.51 -7.82 0.13
CA LEU C 245 -10.62 -7.78 -1.32
C LEU C 245 -9.46 -8.50 -1.99
N ILE C 246 -8.24 -8.25 -1.52
CA ILE C 246 -7.07 -8.92 -2.07
C ILE C 246 -7.19 -10.43 -1.87
N GLY C 247 -7.66 -10.84 -0.68
CA GLY C 247 -7.84 -12.25 -0.43
C GLY C 247 -8.84 -12.90 -1.36
N ASN C 248 -9.97 -12.24 -1.61
CA ASN C 248 -10.97 -12.79 -2.53
C ASN C 248 -10.42 -12.91 -3.95
N ILE C 249 -9.71 -11.88 -4.42
CA ILE C 249 -9.15 -11.94 -5.77
C ILE C 249 -8.15 -13.09 -5.87
N THR C 250 -7.24 -13.19 -4.90
CA THR C 250 -6.28 -14.29 -4.90
C THR C 250 -6.99 -15.63 -4.81
N ALA C 251 -8.11 -15.69 -4.09
CA ALA C 251 -8.85 -16.94 -3.98
C ALA C 251 -9.39 -17.38 -5.31
N LEU C 252 -10.02 -16.48 -6.07
CA LEU C 252 -10.53 -16.90 -7.37
C LEU C 252 -9.39 -17.30 -8.30
N ILE C 253 -8.29 -16.55 -8.27
CA ILE C 253 -7.18 -16.86 -9.16
C ILE C 253 -6.59 -18.24 -8.83
N VAL C 254 -6.39 -18.52 -7.55
CA VAL C 254 -5.74 -19.77 -7.16
C VAL C 254 -6.67 -20.95 -7.38
N LYS C 255 -7.93 -20.84 -6.95
CA LYS C 255 -8.85 -21.98 -6.93
C LYS C 255 -9.70 -22.06 -8.19
N GLY C 256 -10.37 -20.98 -8.55
CA GLY C 256 -11.24 -20.97 -9.71
C GLY C 256 -10.51 -21.12 -11.03
N ILE D 1 -5.43 -26.83 43.03
CA ILE D 1 -6.63 -26.18 42.52
C ILE D 1 -7.03 -26.79 41.19
N HIS D 2 -8.33 -27.08 41.06
CA HIS D 2 -8.81 -27.73 39.86
C HIS D 2 -8.86 -26.72 38.70
N PRO D 3 -8.20 -27.01 37.58
CA PRO D 3 -7.93 -25.95 36.59
C PRO D 3 -9.16 -25.25 36.03
N LYS D 4 -10.24 -25.98 35.78
CA LYS D 4 -11.40 -25.44 35.10
C LYS D 4 -12.37 -24.74 36.06
N ASN D 5 -12.07 -24.76 37.35
CA ASN D 5 -13.00 -24.28 38.38
C ASN D 5 -13.68 -22.94 38.11
N ARG D 6 -14.98 -22.88 38.44
CA ARG D 6 -15.78 -21.71 38.09
C ARG D 6 -15.18 -20.39 38.64
N TRP D 7 -14.87 -20.40 39.94
CA TRP D 7 -14.12 -19.29 40.52
C TRP D 7 -12.76 -18.94 39.94
N TYR D 8 -11.96 -19.95 39.60
CA TYR D 8 -10.67 -19.70 38.97
C TYR D 8 -10.85 -19.08 37.58
N LYS D 9 -11.90 -19.48 36.86
CA LYS D 9 -12.17 -18.87 35.57
C LYS D 9 -12.52 -17.39 35.71
N ALA D 10 -13.33 -17.06 36.72
CA ALA D 10 -13.64 -15.66 36.98
C ALA D 10 -12.39 -14.88 37.37
N TRP D 11 -11.52 -15.49 38.17
CA TRP D 11 -10.26 -14.84 38.52
C TRP D 11 -9.40 -14.63 37.28
N GLU D 12 -9.39 -15.61 36.37
CA GLU D 12 -8.63 -15.46 35.14
C GLU D 12 -9.16 -14.30 34.30
N MET D 13 -10.48 -14.17 34.20
CA MET D 13 -11.05 -13.06 33.45
C MET D 13 -10.73 -11.73 34.10
N PHE D 14 -10.80 -11.68 35.43
CA PHE D 14 -10.49 -10.45 36.17
C PHE D 14 -9.03 -10.03 35.93
N ILE D 15 -8.11 -10.99 36.06
CA ILE D 15 -6.71 -10.69 35.85
C ILE D 15 -6.44 -10.38 34.39
N LEU D 16 -7.26 -10.91 33.47
CA LEU D 16 -7.10 -10.59 32.06
C LEU D 16 -7.47 -9.14 31.79
N VAL D 17 -8.57 -8.67 32.39
CA VAL D 17 -8.93 -7.26 32.25
C VAL D 17 -7.86 -6.37 32.86
N TRP D 18 -7.35 -6.75 34.04
CA TRP D 18 -6.28 -5.97 34.64
C TRP D 18 -5.02 -5.96 33.78
N ALA D 19 -4.70 -7.09 33.17
CA ALA D 19 -3.52 -7.16 32.30
C ALA D 19 -3.69 -6.31 31.06
N ILE D 20 -4.90 -6.31 30.47
CA ILE D 20 -5.16 -5.45 29.32
C ILE D 20 -4.98 -3.99 29.71
N TYR D 21 -5.53 -3.59 30.86
CA TYR D 21 -5.36 -2.21 31.31
C TYR D 21 -3.90 -1.86 31.53
N SER D 22 -3.15 -2.76 32.18
CA SER D 22 -1.75 -2.48 32.48
C SER D 22 -0.92 -2.39 31.21
N SER D 23 -1.19 -3.28 30.24
CA SER D 23 -0.44 -3.25 28.99
C SER D 23 -0.77 -1.99 28.19
N LEU D 24 -2.03 -1.54 28.23
CA LEU D 24 -2.37 -0.31 27.53
C LEU D 24 -1.85 0.93 28.24
N PHE D 25 -1.63 0.87 29.55
CA PHE D 25 -1.24 2.05 30.30
C PHE D 25 0.26 2.20 30.48
N THR D 26 1.02 1.11 30.55
CA THR D 26 2.44 1.22 30.86
C THR D 26 3.22 2.02 29.81
N PRO D 27 3.05 1.79 28.50
CA PRO D 27 3.71 2.70 27.55
C PRO D 27 3.27 4.14 27.72
N MET D 28 1.99 4.39 28.00
CA MET D 28 1.54 5.74 28.29
C MET D 28 2.24 6.29 29.53
N GLU D 29 2.32 5.46 30.58
CA GLU D 29 3.03 5.82 31.81
C GLU D 29 4.45 6.26 31.52
N PHE D 30 5.18 5.47 30.71
CA PHE D 30 6.59 5.74 30.49
C PHE D 30 6.78 6.95 29.60
N GLY D 31 6.00 7.06 28.52
CA GLY D 31 6.21 8.09 27.54
C GLY D 31 5.66 9.45 27.91
N PHE D 32 4.38 9.53 28.23
CA PHE D 32 3.76 10.86 28.45
C PHE D 32 3.95 11.39 29.87
N PHE D 33 4.59 10.64 30.76
CA PHE D 33 4.64 11.09 32.17
C PHE D 33 6.02 10.87 32.81
N ARG D 34 6.80 11.93 32.96
CA ARG D 34 8.11 11.84 33.64
C ARG D 34 7.86 11.75 35.14
N GLY D 35 7.31 10.61 35.54
CA GLY D 35 6.86 10.41 36.90
C GLY D 35 5.35 10.53 36.99
N LEU D 36 4.70 9.59 37.67
CA LEU D 36 3.25 9.62 37.76
C LEU D 36 2.79 10.86 38.52
N PRO D 37 1.61 11.39 38.21
CA PRO D 37 1.03 12.43 39.05
C PRO D 37 0.31 11.82 40.25
N GLU D 38 -0.05 12.69 41.19
CA GLU D 38 -0.50 12.22 42.50
C GLU D 38 -1.80 11.43 42.40
N ARG D 39 -2.72 11.87 41.54
CA ARG D 39 -4.08 11.35 41.59
C ARG D 39 -4.13 9.85 41.36
N LEU D 40 -3.23 9.37 40.37
CA LEU D 40 -3.29 7.95 40.07
C LEU D 40 -2.56 7.08 41.09
N PHE D 41 -1.96 7.68 42.12
CA PHE D 41 -1.13 6.94 43.07
C PHE D 41 -1.81 5.64 43.49
N VAL D 42 -2.96 5.75 44.16
CA VAL D 42 -3.60 4.56 44.72
C VAL D 42 -3.93 3.57 43.61
N LEU D 43 -4.31 4.06 42.44
CA LEU D 43 -4.59 3.18 41.31
C LEU D 43 -3.41 2.26 41.05
N ASP D 44 -2.22 2.86 40.89
CA ASP D 44 -1.03 2.03 40.67
C ASP D 44 -0.94 0.95 41.76
N ILE D 45 -1.06 1.37 43.02
CA ILE D 45 -0.89 0.42 44.12
C ILE D 45 -1.84 -0.76 43.96
N VAL D 46 -3.13 -0.49 43.70
CA VAL D 46 -4.06 -1.61 43.70
C VAL D 46 -3.71 -2.57 42.57
N GLY D 47 -3.34 -2.02 41.41
CA GLY D 47 -2.89 -2.88 40.33
C GLY D 47 -1.80 -3.82 40.80
N GLN D 48 -0.77 -3.25 41.43
CA GLN D 48 0.31 -4.08 41.95
C GLN D 48 -0.24 -5.20 42.81
N ILE D 49 -1.05 -4.85 43.81
CA ILE D 49 -1.48 -5.87 44.76
C ILE D 49 -2.35 -6.88 44.05
N ALA D 50 -3.15 -6.43 43.07
CA ALA D 50 -3.94 -7.38 42.30
C ALA D 50 -3.04 -8.42 41.67
N PHE D 51 -1.99 -7.97 40.98
CA PHE D 51 -1.07 -8.93 40.38
C PHE D 51 -0.36 -9.74 41.45
N LEU D 52 -0.05 -9.12 42.59
CA LEU D 52 0.50 -9.89 43.71
C LEU D 52 -0.40 -11.08 44.05
N VAL D 53 -1.71 -10.84 44.16
CA VAL D 53 -2.62 -11.93 44.46
C VAL D 53 -2.47 -13.01 43.40
N ASP D 54 -2.40 -12.60 42.13
CA ASP D 54 -2.23 -13.58 41.06
C ASP D 54 -0.99 -14.43 41.31
N ILE D 55 0.14 -13.80 41.67
CA ILE D 55 1.34 -14.57 41.98
C ILE D 55 1.04 -15.54 43.12
N VAL D 56 0.43 -15.05 44.20
CA VAL D 56 0.22 -15.91 45.35
C VAL D 56 -0.80 -17.00 45.02
N LEU D 57 -1.52 -16.82 43.91
CA LEU D 57 -2.42 -17.86 43.45
C LEU D 57 -1.78 -18.74 42.38
N GLN D 58 -0.80 -18.22 41.64
CA GLN D 58 -0.18 -19.01 40.58
C GLN D 58 0.62 -20.17 41.16
N PHE D 59 0.99 -20.08 42.44
CA PHE D 59 1.70 -21.17 43.09
C PHE D 59 0.76 -22.33 43.42
N PHE D 60 -0.56 -22.10 43.30
CA PHE D 60 -1.51 -23.09 43.78
C PHE D 60 -2.09 -23.91 42.64
N VAL D 61 -2.15 -23.35 41.43
CA VAL D 61 -2.87 -24.00 40.34
C VAL D 61 -2.05 -25.15 39.77
N ALA D 62 -2.73 -26.27 39.50
CA ALA D 62 -2.11 -27.41 38.86
C ALA D 62 -1.86 -27.14 37.38
N TYR D 63 -0.92 -27.88 36.80
CA TYR D 63 -0.51 -27.65 35.41
C TYR D 63 -0.66 -28.94 34.59
N ARG D 64 -1.09 -28.76 33.34
CA ARG D 64 -1.18 -29.86 32.39
C ARG D 64 0.20 -30.22 31.87
N ASP D 65 0.53 -31.52 31.94
CA ASP D 65 1.79 -32.04 31.40
C ASP D 65 1.64 -32.18 29.89
N THR D 66 2.42 -31.38 29.15
CA THR D 66 2.20 -31.26 27.71
C THR D 66 2.47 -32.57 26.97
N GLN D 67 3.60 -33.22 27.27
CA GLN D 67 3.97 -34.42 26.52
C GLN D 67 2.99 -35.56 26.78
N THR D 68 2.59 -35.76 28.03
CA THR D 68 1.62 -36.78 28.40
C THR D 68 0.45 -36.12 29.11
N TYR D 69 -0.74 -36.22 28.50
CA TYR D 69 -1.91 -35.46 28.96
C TYR D 69 -2.36 -36.04 30.30
N ARG D 70 -1.60 -35.70 31.34
CA ARG D 70 -1.90 -36.08 32.71
C ARG D 70 -1.73 -34.94 33.72
N THR D 71 -2.78 -34.67 34.49
CA THR D 71 -2.75 -33.57 35.44
C THR D 71 -1.82 -33.96 36.59
N VAL D 72 -1.20 -32.95 37.21
CA VAL D 72 -0.36 -33.14 38.38
C VAL D 72 -0.77 -32.12 39.44
N TYR D 73 -1.08 -32.60 40.65
CA TYR D 73 -1.44 -31.74 41.75
C TYR D 73 -0.36 -31.65 42.82
N LYS D 74 0.81 -32.25 42.58
CA LYS D 74 1.89 -32.14 43.55
C LYS D 74 2.39 -30.70 43.61
N PRO D 75 2.53 -30.13 44.81
CA PRO D 75 2.95 -28.72 44.89
C PRO D 75 4.39 -28.50 44.45
N THR D 76 5.26 -29.50 44.64
CA THR D 76 6.65 -29.35 44.24
C THR D 76 6.78 -29.17 42.74
N ARG D 77 6.04 -29.95 41.95
CA ARG D 77 6.14 -29.86 40.51
C ARG D 77 5.65 -28.52 39.99
N ILE D 78 4.52 -28.04 40.49
CA ILE D 78 3.99 -26.76 40.03
C ILE D 78 4.88 -25.61 40.47
N ALA D 79 5.38 -25.70 41.71
CA ALA D 79 6.28 -24.64 42.22
C ALA D 79 7.48 -24.56 41.30
N PHE D 80 8.13 -25.70 41.07
CA PHE D 80 9.34 -25.69 40.25
C PHE D 80 9.06 -25.17 38.85
N ARG D 81 7.92 -25.56 38.27
CA ARG D 81 7.57 -25.08 36.93
C ARG D 81 7.42 -23.57 36.91
N TYR D 82 6.75 -23.00 37.93
CA TYR D 82 6.61 -21.55 37.98
C TYR D 82 7.93 -20.87 38.25
N LEU D 83 8.64 -21.55 38.96
CA LEU D 83 9.94 -20.95 39.23
C LEU D 83 10.74 -20.77 37.94
N LYS D 84 10.79 -21.81 37.12
CA LYS D 84 11.58 -21.70 35.88
C LYS D 84 10.88 -20.86 34.82
N SER D 85 9.56 -21.00 34.68
CA SER D 85 8.90 -20.41 33.52
C SER D 85 8.67 -18.90 33.68
N HIS D 86 7.82 -18.51 34.63
CA HIS D 86 7.29 -17.15 34.67
C HIS D 86 7.26 -16.60 36.10
N PHE D 87 8.38 -16.68 36.82
CA PHE D 87 8.42 -16.18 38.18
C PHE D 87 9.24 -14.89 38.27
N LEU D 88 10.51 -14.93 37.87
CA LEU D 88 11.42 -13.83 38.18
C LEU D 88 10.95 -12.53 37.52
N MET D 89 10.42 -12.63 36.30
CA MET D 89 10.02 -11.42 35.60
C MET D 89 8.77 -10.80 36.19
N ASP D 90 7.76 -11.61 36.53
CA ASP D 90 6.56 -11.05 37.14
C ASP D 90 6.88 -10.39 38.48
N PHE D 91 7.75 -11.02 39.27
CA PHE D 91 8.15 -10.45 40.56
C PHE D 91 8.86 -9.13 40.34
N ILE D 92 9.87 -9.10 39.46
CA ILE D 92 10.61 -7.85 39.23
C ILE D 92 9.71 -6.81 38.58
N GLY D 93 8.62 -7.23 37.93
CA GLY D 93 7.74 -6.29 37.29
C GLY D 93 6.69 -5.68 38.19
N CYS D 94 6.28 -6.39 39.22
CA CYS D 94 5.26 -5.86 40.11
C CYS D 94 5.86 -5.00 41.24
N PHE D 95 7.18 -4.81 41.24
CA PHE D 95 7.78 -3.85 42.16
C PHE D 95 7.22 -2.46 41.90
N PRO D 96 7.12 -1.62 42.92
CA PRO D 96 6.70 -0.23 42.68
C PRO D 96 7.82 0.55 42.01
N TRP D 97 7.66 0.79 40.70
CA TRP D 97 8.69 1.44 39.91
C TRP D 97 8.48 2.93 39.77
N ASP D 98 7.46 3.49 40.41
CA ASP D 98 7.23 4.94 40.40
C ASP D 98 7.80 5.62 41.65
N LEU D 99 7.47 5.11 42.83
CA LEU D 99 8.04 5.66 44.05
C LEU D 99 9.55 5.48 44.07
N ILE D 100 10.03 4.36 43.53
CA ILE D 100 11.48 4.14 43.42
C ILE D 100 12.11 5.22 42.57
N TYR D 101 11.47 5.56 41.45
CA TYR D 101 12.01 6.57 40.55
C TYR D 101 12.07 7.94 41.23
N LYS D 102 10.99 8.33 41.91
CA LYS D 102 10.97 9.65 42.55
C LYS D 102 11.95 9.71 43.72
N ALA D 103 12.05 8.63 44.49
CA ALA D 103 12.92 8.66 45.67
C ALA D 103 14.39 8.60 45.30
N SER D 104 14.75 7.75 44.33
CA SER D 104 16.15 7.48 44.03
C SER D 104 16.69 8.48 42.99
N GLY D 105 16.62 9.76 43.36
CA GLY D 105 17.28 10.80 42.60
C GLY D 105 16.77 11.02 41.19
N LYS D 106 15.59 10.48 40.86
CA LYS D 106 14.98 10.67 39.54
C LYS D 106 15.89 10.21 38.42
N HIS D 107 16.55 9.07 38.62
CA HIS D 107 17.39 8.48 37.57
C HIS D 107 16.51 7.82 36.52
N GLU D 108 16.74 8.14 35.27
CA GLU D 108 15.76 7.66 34.28
C GLU D 108 15.85 6.16 34.14
N LEU D 109 17.02 5.60 34.19
CA LEU D 109 17.14 4.18 33.87
C LEU D 109 16.16 3.33 34.67
N VAL D 110 15.95 3.66 35.94
CA VAL D 110 14.99 2.90 36.74
C VAL D 110 13.55 2.94 36.27
N ARG D 111 13.23 3.97 35.48
CA ARG D 111 11.88 4.05 34.88
C ARG D 111 11.97 3.27 33.55
N TYR D 112 13.08 3.36 32.87
CA TYR D 112 13.30 2.64 31.62
C TYR D 112 12.93 1.22 31.98
N LEU D 113 13.20 0.86 33.24
CA LEU D 113 12.79 -0.44 33.76
C LEU D 113 11.28 -0.61 33.81
N LEU D 114 10.51 0.47 33.64
CA LEU D 114 9.06 0.36 33.65
C LEU D 114 8.52 -0.46 32.48
N TRP D 115 9.30 -0.64 31.42
CA TRP D 115 8.88 -1.48 30.31
C TRP D 115 8.85 -2.95 30.68
N ILE D 116 9.39 -3.29 31.85
CA ILE D 116 9.43 -4.69 32.29
C ILE D 116 8.03 -5.26 32.46
N ARG D 117 7.03 -4.39 32.64
CA ARG D 117 5.66 -4.83 32.84
C ARG D 117 4.99 -5.36 31.58
N LEU D 118 5.56 -5.17 30.40
CA LEU D 118 4.83 -5.48 29.17
C LEU D 118 4.53 -6.96 28.99
N PHE D 119 5.19 -7.87 29.71
CA PHE D 119 4.86 -9.28 29.49
C PHE D 119 3.58 -9.72 30.21
N ARG D 120 2.82 -8.77 30.74
CA ARG D 120 1.44 -9.06 31.10
C ARG D 120 0.57 -9.35 29.88
N VAL D 121 1.01 -8.97 28.68
CA VAL D 121 0.29 -9.34 27.46
C VAL D 121 0.33 -10.85 27.24
N ARG D 122 1.15 -11.59 27.99
CA ARG D 122 1.07 -13.04 27.93
C ARG D 122 -0.31 -13.54 28.33
N LYS D 123 -1.02 -12.78 29.18
CA LYS D 123 -2.38 -13.16 29.54
C LYS D 123 -3.30 -13.10 28.33
N VAL D 124 -3.21 -12.03 27.54
CA VAL D 124 -4.02 -11.94 26.33
C VAL D 124 -3.57 -12.98 25.30
N VAL D 125 -2.28 -13.28 25.25
CA VAL D 125 -1.79 -14.30 24.34
C VAL D 125 -2.41 -15.66 24.68
N GLU D 126 -2.41 -16.00 25.96
CA GLU D 126 -3.05 -17.25 26.39
C GLU D 126 -4.56 -17.21 26.17
N PHE D 127 -5.18 -16.03 26.33
CA PHE D 127 -6.59 -15.87 26.00
C PHE D 127 -6.84 -16.29 24.57
N PHE D 128 -6.06 -15.74 23.64
CA PHE D 128 -6.25 -16.06 22.23
C PHE D 128 -5.91 -17.51 21.93
N GLN D 129 -4.95 -18.08 22.64
CA GLN D 129 -4.65 -19.51 22.47
C GLN D 129 -5.83 -20.37 22.88
N ARG D 130 -6.45 -20.07 24.02
CA ARG D 130 -7.63 -20.81 24.44
C ARG D 130 -8.78 -20.63 23.45
N LEU D 131 -8.94 -19.41 22.95
CA LEU D 131 -10.00 -19.16 21.97
C LEU D 131 -9.78 -19.96 20.70
N GLU D 132 -8.52 -20.07 20.27
CA GLU D 132 -8.20 -20.93 19.13
C GLU D 132 -8.52 -22.38 19.43
N LYS D 133 -8.20 -22.84 20.65
CA LYS D 133 -8.51 -24.22 21.02
C LYS D 133 -10.01 -24.47 21.04
N ASP D 134 -10.80 -23.45 21.35
CA ASP D 134 -12.25 -23.60 21.36
C ASP D 134 -12.77 -23.84 19.94
N THR D 135 -13.75 -24.73 19.82
CA THR D 135 -14.30 -25.12 18.52
C THR D 135 -15.42 -24.21 18.04
N ARG D 136 -15.89 -23.28 18.87
CA ARG D 136 -16.97 -22.39 18.45
C ARG D 136 -16.49 -21.38 17.42
N ILE D 137 -15.19 -21.09 17.40
CA ILE D 137 -14.62 -20.05 16.53
C ILE D 137 -13.62 -20.70 15.58
N ASN D 138 -13.64 -20.26 14.33
CA ASN D 138 -12.70 -20.78 13.34
C ASN D 138 -11.27 -20.40 13.70
N TYR D 139 -10.34 -21.30 13.37
CA TYR D 139 -8.95 -21.11 13.77
C TYR D 139 -8.34 -19.88 13.12
N LEU D 140 -8.51 -19.74 11.80
CA LEU D 140 -7.87 -18.63 11.09
C LEU D 140 -8.50 -17.30 11.45
N PHE D 141 -9.81 -17.29 11.74
CA PHE D 141 -10.43 -16.05 12.22
C PHE D 141 -9.84 -15.64 13.56
N THR D 142 -9.59 -16.61 14.45
CA THR D 142 -8.93 -16.31 15.71
C THR D 142 -7.52 -15.77 15.48
N ARG D 143 -6.78 -16.38 14.55
CA ARG D 143 -5.44 -15.90 14.25
C ARG D 143 -5.47 -14.46 13.73
N ILE D 144 -6.44 -14.15 12.88
CA ILE D 144 -6.53 -12.81 12.30
C ILE D 144 -6.94 -11.79 13.34
N LEU D 145 -7.87 -12.16 14.25
CA LEU D 145 -8.20 -11.26 15.34
C LEU D 145 -6.99 -11.00 16.22
N LYS D 146 -6.20 -12.05 16.48
CA LYS D 146 -4.99 -11.88 17.27
C LYS D 146 -4.00 -10.95 16.58
N LEU D 147 -3.84 -11.11 15.26
CA LEU D 147 -2.96 -10.23 14.50
C LEU D 147 -3.43 -8.79 14.52
N LEU D 148 -4.74 -8.58 14.41
CA LEU D 148 -5.28 -7.22 14.46
C LEU D 148 -5.02 -6.60 15.82
N PHE D 149 -5.22 -7.36 16.90
CA PHE D 149 -4.91 -6.86 18.23
C PHE D 149 -3.43 -6.53 18.36
N VAL D 150 -2.57 -7.39 17.82
CA VAL D 150 -1.13 -7.16 17.89
C VAL D 150 -0.76 -5.88 17.13
N GLU D 151 -1.34 -5.69 15.95
CA GLU D 151 -1.07 -4.48 15.18
C GLU D 151 -1.52 -3.24 15.93
N VAL D 152 -2.71 -3.27 16.52
CA VAL D 152 -3.21 -2.12 17.26
C VAL D 152 -2.32 -1.82 18.46
N TYR D 153 -1.94 -2.85 19.20
CA TYR D 153 -1.10 -2.64 20.38
C TYR D 153 0.29 -2.14 20.00
N CYS D 154 0.87 -2.68 18.93
CA CYS D 154 2.17 -2.21 18.48
C CYS D 154 2.09 -0.76 18.00
N THR D 155 0.99 -0.40 17.35
CA THR D 155 0.79 0.99 16.96
C THR D 155 0.70 1.91 18.17
N HIS D 156 -0.03 1.47 19.21
CA HIS D 156 -0.15 2.27 20.42
C HIS D 156 1.21 2.45 21.11
N THR D 157 1.96 1.35 21.22
CA THR D 157 3.29 1.43 21.83
C THR D 157 4.24 2.29 21.01
N ALA D 158 4.15 2.18 19.68
CA ALA D 158 5.00 2.99 18.81
C ALA D 158 4.65 4.47 18.94
N ALA D 159 3.37 4.78 19.10
CA ALA D 159 2.98 6.18 19.33
C ALA D 159 3.55 6.69 20.64
N CYS D 160 3.49 5.87 21.70
CA CYS D 160 4.05 6.27 22.98
C CYS D 160 5.56 6.52 22.87
N ILE D 161 6.27 5.61 22.20
CA ILE D 161 7.72 5.76 22.05
C ILE D 161 8.05 6.96 21.17
N PHE D 162 7.25 7.21 20.14
CA PHE D 162 7.50 8.33 19.25
C PHE D 162 7.32 9.65 19.99
N TYR D 163 6.31 9.74 20.85
CA TYR D 163 6.20 10.95 21.67
C TYR D 163 7.37 11.05 22.64
N TYR D 164 7.78 9.92 23.23
CA TYR D 164 8.89 9.97 24.18
C TYR D 164 10.16 10.49 23.52
N LEU D 165 10.41 10.08 22.28
CA LEU D 165 11.60 10.53 21.57
C LEU D 165 11.62 12.03 21.35
N ALA D 166 10.47 12.69 21.45
CA ALA D 166 10.43 14.15 21.37
C ALA D 166 10.82 14.83 22.68
N THR D 167 10.63 14.16 23.81
CA THR D 167 11.00 14.72 25.10
C THR D 167 12.46 14.48 25.47
N THR D 168 13.17 13.65 24.71
CA THR D 168 14.58 13.43 24.98
C THR D 168 15.39 14.70 24.75
N LEU D 169 15.06 15.45 23.70
CA LEU D 169 15.75 16.70 23.44
C LEU D 169 15.44 17.72 24.53
N PRO D 170 16.37 18.64 24.79
CA PRO D 170 16.11 19.64 25.83
C PRO D 170 14.92 20.51 25.45
N PRO D 171 14.21 21.04 26.45
CA PRO D 171 13.03 21.86 26.14
C PRO D 171 13.34 23.09 25.33
N GLU D 172 14.52 23.68 25.48
CA GLU D 172 14.89 24.85 24.69
C GLU D 172 15.02 24.51 23.21
N ASN D 173 15.62 23.37 22.88
CA ASN D 173 15.79 22.94 21.49
C ASN D 173 14.67 21.96 21.14
N GLU D 174 13.43 22.46 21.17
CA GLU D 174 12.26 21.64 20.95
C GLU D 174 11.66 21.77 19.56
N GLY D 175 12.03 22.80 18.81
CA GLY D 175 11.48 23.00 17.49
C GLY D 175 12.07 22.05 16.46
N TYR D 176 12.96 21.17 16.91
CA TYR D 176 13.66 20.24 16.04
C TYR D 176 13.10 18.82 16.19
N THR D 177 11.91 18.70 16.75
CA THR D 177 11.26 17.40 16.94
C THR D 177 10.06 17.27 16.01
N TRP D 178 9.50 16.07 15.96
CA TRP D 178 8.29 15.85 15.16
C TRP D 178 7.14 16.69 15.69
N ILE D 179 6.99 16.77 17.00
CA ILE D 179 6.03 17.64 17.64
C ILE D 179 6.78 18.91 18.06
N GLY D 180 6.05 20.01 18.16
CA GLY D 180 6.65 21.30 18.35
C GLY D 180 6.95 22.04 17.07
N SER D 181 7.02 21.33 15.94
CA SER D 181 7.07 21.93 14.62
C SER D 181 5.75 21.82 13.88
N LEU D 182 4.76 21.15 14.47
CA LEU D 182 3.45 21.03 13.83
C LEU D 182 2.74 22.37 13.83
N LYS D 183 2.04 22.65 12.73
CA LYS D 183 1.21 23.85 12.60
C LYS D 183 -0.12 23.50 11.97
N LEU D 184 -0.75 22.43 12.45
CA LEU D 184 -2.00 21.95 11.91
C LEU D 184 -3.12 22.98 12.08
N GLY D 185 -3.63 23.50 10.98
CA GLY D 185 -4.65 24.54 11.05
C GLY D 185 -4.11 25.77 11.75
N ASP D 186 -4.90 26.33 12.68
CA ASP D 186 -4.48 27.48 13.45
C ASP D 186 -3.74 27.11 14.72
N TYR D 187 -3.69 25.84 15.09
CA TYR D 187 -3.03 25.42 16.32
C TYR D 187 -1.58 25.06 16.03
N SER D 188 -0.67 25.80 16.66
CA SER D 188 0.76 25.51 16.59
C SER D 188 1.22 24.97 17.93
N TYR D 189 1.94 23.85 17.91
CA TYR D 189 2.41 23.19 19.12
C TYR D 189 3.63 23.96 19.63
N GLU D 190 3.37 25.14 20.20
CA GLU D 190 4.45 25.98 20.68
C GLU D 190 5.20 25.32 21.84
N ASN D 191 4.50 25.05 22.93
CA ASN D 191 5.06 24.32 24.07
C ASN D 191 4.24 23.05 24.25
N PHE D 192 4.77 21.94 23.76
CA PHE D 192 4.00 20.70 23.73
C PHE D 192 4.06 19.93 25.05
N ARG D 193 4.76 20.43 26.06
CA ARG D 193 4.75 19.80 27.37
C ARG D 193 3.71 20.41 28.31
N GLU D 194 3.00 21.45 27.87
CA GLU D 194 1.92 22.04 28.66
C GLU D 194 0.55 21.81 28.05
N ILE D 195 0.47 21.03 26.98
CA ILE D 195 -0.82 20.72 26.37
C ILE D 195 -1.45 19.55 27.13
N ASP D 196 -2.76 19.38 26.95
CA ASP D 196 -3.48 18.31 27.61
C ASP D 196 -2.95 16.96 27.14
N LEU D 197 -3.00 15.97 28.04
CA LEU D 197 -2.46 14.65 27.72
C LEU D 197 -3.18 14.03 26.53
N TRP D 198 -4.50 14.20 26.47
CA TRP D 198 -5.26 13.55 25.42
C TRP D 198 -4.97 14.14 24.05
N LYS D 199 -4.69 15.43 23.97
CA LYS D 199 -4.34 16.04 22.68
C LYS D 199 -3.04 15.46 22.14
N ARG D 200 -1.99 15.42 22.98
CA ARG D 200 -0.72 14.86 22.54
C ARG D 200 -0.83 13.39 22.21
N TYR D 201 -1.56 12.63 23.04
CA TYR D 201 -1.73 11.21 22.76
C TYR D 201 -2.48 10.99 21.45
N THR D 202 -3.51 11.78 21.19
CA THR D 202 -4.27 11.62 19.95
C THR D 202 -3.44 12.00 18.74
N THR D 203 -2.62 13.04 18.85
CA THR D 203 -1.74 13.40 17.73
C THR D 203 -0.74 12.27 17.44
N ALA D 204 -0.10 11.75 18.49
CA ALA D 204 0.87 10.67 18.28
C ALA D 204 0.19 9.42 17.72
N LEU D 205 -0.98 9.08 18.24
CA LEU D 205 -1.70 7.90 17.76
C LEU D 205 -2.16 8.10 16.33
N TYR D 206 -2.55 9.31 15.95
CA TYR D 206 -2.93 9.59 14.58
C TYR D 206 -1.76 9.38 13.64
N PHE D 207 -0.58 9.90 14.02
CA PHE D 207 0.61 9.68 13.19
C PHE D 207 0.91 8.19 13.06
N ALA D 208 0.91 7.47 14.18
CA ALA D 208 1.25 6.05 14.14
C ALA D 208 0.24 5.26 13.34
N ILE D 209 -1.05 5.60 13.45
CA ILE D 209 -2.08 4.85 12.76
C ILE D 209 -2.02 5.08 11.26
N VAL D 210 -1.84 6.34 10.83
CA VAL D 210 -1.73 6.59 9.40
C VAL D 210 -0.40 6.12 8.82
N THR D 211 0.63 5.93 9.65
CA THR D 211 1.83 5.26 9.18
C THR D 211 1.61 3.77 9.03
N MET D 212 0.83 3.12 9.88
CA MET D 212 0.65 1.63 9.81
C MET D 212 -0.20 1.28 8.62
N ALA D 213 -1.21 2.09 8.29
CA ALA D 213 -2.13 1.76 7.20
C ALA D 213 -1.37 1.96 5.91
N THR D 214 -0.32 2.78 5.93
CA THR D 214 0.56 3.11 4.79
C THR D 214 -0.07 4.27 4.05
N VAL D 215 -0.90 5.06 4.71
CA VAL D 215 -1.42 6.20 3.95
C VAL D 215 -0.23 7.15 3.93
N GLY D 216 0.29 7.48 5.06
CA GLY D 216 1.37 8.46 5.15
C GLY D 216 0.94 9.70 4.46
N TYR D 217 0.45 10.64 5.20
CA TYR D 217 -0.10 11.82 4.54
C TYR D 217 1.09 12.73 4.47
N GLY D 218 1.63 13.10 5.59
CA GLY D 218 2.87 13.88 5.55
C GLY D 218 2.74 15.13 6.34
N ASP D 219 1.64 15.27 7.07
CA ASP D 219 1.44 16.44 7.95
C ASP D 219 2.29 16.23 9.18
N ILE D 220 2.38 15.00 9.67
CA ILE D 220 3.22 14.66 10.81
C ILE D 220 4.30 13.70 10.31
N HIS D 221 5.56 14.07 10.49
CA HIS D 221 6.66 13.26 10.00
C HIS D 221 7.85 13.42 10.94
N ALA D 222 8.93 12.72 10.62
CA ALA D 222 10.13 12.71 11.45
C ALA D 222 11.06 13.85 11.08
N VAL D 223 11.68 14.46 12.09
CA VAL D 223 12.64 15.55 11.90
C VAL D 223 13.99 15.20 12.52
N ASN D 224 13.98 14.73 13.76
CA ASN D 224 15.20 14.34 14.44
C ASN D 224 15.83 13.13 13.75
N LEU D 225 17.09 12.88 14.08
CA LEU D 225 17.74 11.68 13.57
C LEU D 225 17.28 10.43 14.31
N ARG D 226 17.03 10.55 15.61
CA ARG D 226 16.46 9.42 16.36
C ARG D 226 15.05 9.08 15.88
N GLU D 227 14.24 10.10 15.61
CA GLU D 227 12.91 9.87 15.06
C GLU D 227 12.97 9.21 13.70
N MET D 228 13.95 9.58 12.87
CA MET D 228 14.11 8.94 11.57
C MET D 228 14.38 7.44 11.74
N ILE D 229 15.31 7.09 12.63
CA ILE D 229 15.64 5.69 12.84
C ILE D 229 14.44 4.93 13.37
N PHE D 230 13.70 5.53 14.32
CA PHE D 230 12.53 4.86 14.84
C PHE D 230 11.48 4.66 13.75
N VAL D 231 11.31 5.65 12.87
CA VAL D 231 10.35 5.52 11.79
C VAL D 231 10.75 4.40 10.84
N MET D 232 12.04 4.31 10.50
CA MET D 232 12.48 3.23 9.63
C MET D 232 12.23 1.87 10.27
N ILE D 233 12.56 1.72 11.55
CA ILE D 233 12.33 0.44 12.22
C ILE D 233 10.84 0.11 12.26
N TYR D 234 10.01 1.11 12.61
CA TYR D 234 8.58 0.89 12.70
C TYR D 234 7.99 0.48 11.37
N VAL D 235 8.35 1.17 10.28
CA VAL D 235 7.76 0.83 8.99
C VAL D 235 8.28 -0.52 8.50
N SER D 236 9.54 -0.85 8.79
CA SER D 236 10.07 -2.15 8.38
C SER D 236 9.34 -3.28 9.09
N PHE D 237 9.02 -3.11 10.36
CA PHE D 237 8.28 -4.14 11.08
C PHE D 237 6.81 -4.16 10.66
N ASP D 238 6.24 -2.99 10.41
CA ASP D 238 4.83 -2.87 10.02
C ASP D 238 4.58 -3.52 8.67
N MET D 239 5.53 -3.40 7.74
CA MET D 239 5.34 -4.01 6.43
C MET D 239 5.20 -5.52 6.55
N VAL D 240 6.06 -6.15 7.36
CA VAL D 240 5.96 -7.59 7.58
C VAL D 240 4.66 -7.94 8.28
N LEU D 241 4.25 -7.14 9.26
CA LEU D 241 2.99 -7.42 9.94
C LEU D 241 1.81 -7.36 8.99
N GLY D 242 1.77 -6.35 8.12
CA GLY D 242 0.69 -6.24 7.15
C GLY D 242 0.70 -7.35 6.13
N ALA D 243 1.89 -7.75 5.69
CA ALA D 243 1.98 -8.90 4.79
C ALA D 243 1.45 -10.16 5.45
N TYR D 244 1.75 -10.35 6.74
CA TYR D 244 1.25 -11.52 7.46
C TYR D 244 -0.27 -11.47 7.58
N LEU D 245 -0.84 -10.29 7.87
CA LEU D 245 -2.29 -10.18 7.97
C LEU D 245 -2.96 -10.51 6.64
N ILE D 246 -2.42 -9.95 5.54
CA ILE D 246 -2.94 -10.27 4.22
C ILE D 246 -2.82 -11.76 3.94
N GLY D 247 -1.71 -12.36 4.38
CA GLY D 247 -1.51 -13.78 4.17
C GLY D 247 -2.56 -14.64 4.86
N ASN D 248 -2.85 -14.34 6.13
CA ASN D 248 -3.87 -15.13 6.83
C ASN D 248 -5.27 -14.90 6.26
N ILE D 249 -5.60 -13.65 5.90
CA ILE D 249 -6.92 -13.43 5.31
C ILE D 249 -7.06 -14.21 4.01
N THR D 250 -6.05 -14.12 3.15
CA THR D 250 -6.07 -14.87 1.90
C THR D 250 -6.15 -16.36 2.17
N ALA D 251 -5.45 -16.83 3.21
CA ALA D 251 -5.48 -18.26 3.52
C ALA D 251 -6.87 -18.72 3.90
N LEU D 252 -7.57 -17.95 4.74
CA LEU D 252 -8.90 -18.40 5.13
C LEU D 252 -9.84 -18.41 3.93
N ILE D 253 -9.77 -17.38 3.07
CA ILE D 253 -10.70 -17.36 1.94
C ILE D 253 -10.36 -18.47 0.94
N VAL D 254 -9.06 -18.76 0.76
CA VAL D 254 -8.67 -19.80 -0.19
C VAL D 254 -9.08 -21.17 0.31
N LYS D 255 -8.79 -21.48 1.57
CA LYS D 255 -8.94 -22.84 2.09
C LYS D 255 -10.21 -23.03 2.90
N GLY D 256 -10.55 -22.05 3.73
CA GLY D 256 -11.74 -22.16 4.57
C GLY D 256 -13.04 -22.11 3.79
K K E . 2.00 11.36 1.25
K K F . 1.11 6.30 0.67
#